data_2ZLD
#
_entry.id   2ZLD
#
_cell.length_a   116.867
_cell.length_b   116.867
_cell.length_c   114.331
_cell.angle_alpha   90.00
_cell.angle_beta   90.00
_cell.angle_gamma   120.00
#
_symmetry.space_group_name_H-M   'P 63'
#
loop_
_entity.id
_entity.type
_entity.pdbx_description
1 polymer 'Outer membrane protein F'
2 polymer Colicin-E3
#
loop_
_entity_poly.entity_id
_entity_poly.type
_entity_poly.pdbx_seq_one_letter_code
_entity_poly.pdbx_strand_id
1 'polypeptide(L)'
;AEIYNKDGNKVDLYGKAVGLHYFSKGNGENSYGGNGDMTYARLGFKGETQINSDLTGYGQWEYNFQGNNSEGADAQTGNK
TRLAFAGLKYADVGSFDYGRNYGVVYDALGYTDMLPEFGGDTAYSDDFFVGRVGGVATYRNSNFFGLVDGLNFAVQYLGK
NERDTARRSNGDGVGGSISYEYEGFGIVGAYGAADRTNLQEAQPLGNGKKAEQWATGLKYDANNIYLAANYGETRNATPI
TNKFTNTSGFANKTQDVLLVAQYQFDFGLRPSIAYTKSKAKDVEGIGDVDLVNYFEVGATYYFNKNMSTYVDYIINQIDS
DNKLGVGSDDTVAVGIVYQF
;
A,B
2 'polypeptide(L)' (UNK)(UNK)(UNK)(UNK)(UNK)(UNK)(UNK) C,D
#
# COMPACT_ATOMS: atom_id res chain seq x y z
N ALA A 1 -22.56 1.88 24.92
CA ALA A 1 -22.84 0.68 25.73
C ALA A 1 -23.41 -0.42 24.86
N GLU A 2 -22.85 -1.62 24.99
CA GLU A 2 -23.35 -2.80 24.26
C GLU A 2 -24.70 -3.21 24.87
N ILE A 3 -25.75 -3.07 24.08
CA ILE A 3 -27.12 -3.28 24.55
C ILE A 3 -27.81 -4.45 23.82
N TYR A 4 -27.07 -5.08 22.91
CA TYR A 4 -27.57 -6.22 22.15
C TYR A 4 -26.39 -7.03 21.64
N ASN A 5 -26.44 -8.34 21.89
CA ASN A 5 -25.42 -9.27 21.41
C ASN A 5 -26.03 -10.65 21.23
N LYS A 6 -26.75 -10.82 20.12
CA LYS A 6 -27.40 -12.07 19.79
C LYS A 6 -27.19 -12.43 18.32
N ASP A 7 -27.09 -13.74 18.05
CA ASP A 7 -27.12 -14.31 16.70
C ASP A 7 -26.21 -13.59 15.70
N GLY A 8 -24.91 -13.53 16.03
CA GLY A 8 -23.91 -12.92 15.17
C GLY A 8 -24.20 -11.47 14.79
N ASN A 9 -24.76 -10.72 15.75
CA ASN A 9 -24.97 -9.27 15.59
C ASN A 9 -24.90 -8.55 16.93
N LYS A 10 -23.95 -7.64 17.06
CA LYS A 10 -23.90 -6.79 18.24
C LYS A 10 -24.16 -5.33 17.90
N VAL A 11 -24.98 -4.70 18.74
CA VAL A 11 -25.30 -3.30 18.63
C VAL A 11 -24.77 -2.61 19.86
N ASP A 12 -24.22 -1.42 19.65
CA ASP A 12 -23.75 -0.58 20.73
C ASP A 12 -24.42 0.77 20.59
N LEU A 13 -25.40 1.04 21.46
CA LEU A 13 -26.01 2.37 21.54
C LEU A 13 -25.25 3.20 22.56
N TYR A 14 -24.67 4.30 22.11
CA TYR A 14 -23.85 5.13 22.95
C TYR A 14 -24.29 6.58 22.83
N GLY A 15 -23.87 7.39 23.80
CA GLY A 15 -24.12 8.83 23.78
C GLY A 15 -23.49 9.52 24.96
N LYS A 16 -23.54 10.84 24.95
CA LYS A 16 -23.04 11.62 26.07
C LYS A 16 -23.77 12.94 26.28
N ALA A 17 -23.92 13.30 27.55
CA ALA A 17 -24.43 14.61 27.95
C ALA A 17 -23.26 15.40 28.50
N VAL A 18 -22.95 16.53 27.87
CA VAL A 18 -21.82 17.35 28.26
C VAL A 18 -22.27 18.73 28.73
N GLY A 19 -22.14 18.97 30.03
CA GLY A 19 -22.36 20.29 30.60
C GLY A 19 -21.10 21.07 30.39
N LEU A 20 -21.20 22.18 29.68
CA LEU A 20 -20.03 22.89 29.18
C LEU A 20 -20.28 24.40 29.09
N HIS A 21 -19.47 25.15 29.84
CA HIS A 21 -19.50 26.61 29.77
C HIS A 21 -18.16 27.11 29.25
N TYR A 22 -18.18 28.22 28.50
CA TYR A 22 -16.98 28.90 28.04
C TYR A 22 -16.87 30.26 28.74
N PHE A 23 -15.70 30.55 29.29
CA PHE A 23 -15.43 31.87 29.88
C PHE A 23 -14.44 32.65 29.02
N SER A 24 -14.88 33.84 28.60
CA SER A 24 -14.07 34.76 27.80
C SER A 24 -14.51 36.20 28.05
N LYS A 25 -13.57 37.13 28.03
CA LYS A 25 -13.89 38.54 28.16
C LYS A 25 -14.47 39.08 26.85
N GLY A 26 -15.67 39.65 26.91
CA GLY A 26 -16.33 40.21 25.73
C GLY A 26 -17.81 39.92 25.61
N GLY A 28 -16.81 37.06 24.40
CA GLY A 28 -16.95 36.03 23.38
C GLY A 28 -16.83 36.58 21.96
N GLU A 29 -17.56 37.67 21.71
CA GLU A 29 -17.67 38.29 20.38
C GLU A 29 -16.35 38.36 19.58
N ASN A 30 -15.24 38.61 20.27
CA ASN A 30 -13.92 38.65 19.65
C ASN A 30 -12.88 37.85 20.45
N SER A 31 -13.22 36.60 20.75
CA SER A 31 -12.32 35.68 21.43
C SER A 31 -12.19 34.36 20.67
N TYR A 32 -11.36 33.45 21.17
CA TYR A 32 -11.07 32.19 20.47
C TYR A 32 -12.28 31.26 20.38
N GLY A 33 -12.84 30.91 21.53
CA GLY A 33 -13.94 29.93 21.59
C GLY A 33 -15.32 30.53 21.80
N GLY A 34 -15.37 31.76 22.30
CA GLY A 34 -16.64 32.40 22.59
C GLY A 34 -16.93 32.37 24.07
N ASN A 35 -18.07 32.94 24.46
CA ASN A 35 -18.48 33.03 25.85
C ASN A 35 -19.94 32.66 26.04
N GLY A 36 -20.24 31.89 27.08
CA GLY A 36 -21.61 31.50 27.38
C GLY A 36 -21.79 30.00 27.53
N ASP A 37 -23.04 29.55 27.46
CA ASP A 37 -23.35 28.13 27.56
C ASP A 37 -23.01 27.42 26.25
N MET A 38 -22.30 26.31 26.36
CA MET A 38 -21.93 25.49 25.19
C MET A 38 -22.31 24.03 25.40
N THR A 39 -23.29 23.80 26.28
CA THR A 39 -23.82 22.47 26.58
C THR A 39 -24.29 21.77 25.31
N TYR A 40 -23.97 20.48 25.20
CA TYR A 40 -24.45 19.67 24.09
C TYR A 40 -24.67 18.24 24.54
N ALA A 41 -25.37 17.47 23.71
CA ALA A 41 -25.57 16.03 23.91
C ALA A 41 -25.27 15.25 22.63
N ARG A 42 -24.82 14.01 22.80
CA ARG A 42 -24.51 13.12 21.68
C ARG A 42 -25.28 11.80 21.76
N LEU A 43 -25.60 11.25 20.60
CA LEU A 43 -26.28 9.97 20.51
C LEU A 43 -25.85 9.28 19.23
N GLY A 44 -25.63 7.99 19.30
CA GLY A 44 -25.24 7.23 18.14
C GLY A 44 -25.27 5.74 18.34
N PHE A 45 -25.17 5.00 17.24
CA PHE A 45 -25.04 3.56 17.31
C PHE A 45 -23.88 3.04 16.46
N LYS A 46 -23.20 2.03 17.00
CA LYS A 46 -22.23 1.26 16.26
C LYS A 46 -22.80 -0.14 16.18
N GLY A 47 -23.00 -0.63 14.96
CA GLY A 47 -23.54 -1.96 14.74
C GLY A 47 -22.55 -2.84 14.02
N GLU A 48 -22.47 -4.10 14.42
CA GLU A 48 -21.46 -5.03 13.90
C GLU A 48 -22.00 -6.45 13.83
N THR A 49 -21.97 -7.00 12.62
CA THR A 49 -22.51 -8.34 12.35
C THR A 49 -21.46 -9.28 11.74
N GLN A 50 -21.44 -10.52 12.21
CA GLN A 50 -20.54 -11.53 11.67
C GLN A 50 -21.27 -12.39 10.65
N ILE A 51 -21.22 -11.96 9.38
CA ILE A 51 -21.91 -12.66 8.28
C ILE A 51 -21.41 -14.09 8.14
N ASN A 52 -20.09 -14.25 8.11
CA ASN A 52 -19.44 -15.56 8.14
C ASN A 52 -18.06 -15.47 8.79
N SER A 53 -17.30 -16.56 8.72
CA SER A 53 -15.97 -16.66 9.32
C SER A 53 -14.99 -15.56 8.92
N ASP A 54 -15.02 -15.16 7.65
CA ASP A 54 -14.10 -14.16 7.10
C ASP A 54 -14.74 -12.81 6.79
N LEU A 55 -16.07 -12.80 6.63
CA LEU A 55 -16.81 -11.60 6.20
C LEU A 55 -17.53 -10.93 7.37
N THR A 56 -17.49 -9.59 7.40
CA THR A 56 -18.08 -8.82 8.49
C THR A 56 -18.76 -7.54 7.98
N GLY A 57 -19.97 -7.27 8.49
CA GLY A 57 -20.69 -6.05 8.18
C GLY A 57 -20.66 -5.09 9.37
N TYR A 58 -20.71 -3.80 9.06
CA TYR A 58 -20.78 -2.78 10.09
C TYR A 58 -21.48 -1.50 9.62
N GLY A 59 -22.05 -0.80 10.59
CA GLY A 59 -22.68 0.49 10.35
C GLY A 59 -22.50 1.41 11.54
N GLN A 60 -22.52 2.71 11.27
CA GLN A 60 -22.42 3.70 12.33
C GLN A 60 -23.17 4.98 12.00
N TRP A 61 -23.86 5.50 13.00
CA TRP A 61 -24.49 6.81 12.93
C TRP A 61 -24.29 7.58 14.23
N GLU A 62 -24.03 8.88 14.11
CA GLU A 62 -23.75 9.73 15.26
C GLU A 62 -24.40 11.09 15.08
N TYR A 63 -25.21 11.49 16.06
CA TYR A 63 -25.89 12.78 15.98
C TYR A 63 -25.45 13.71 17.08
N ASN A 64 -25.47 14.99 16.76
CA ASN A 64 -25.14 16.03 17.71
C ASN A 64 -26.37 16.87 18.01
N PHE A 65 -26.78 16.87 19.27
CA PHE A 65 -27.84 17.74 19.75
C PHE A 65 -27.23 18.82 20.62
N GLN A 66 -27.50 20.08 20.30
CA GLN A 66 -27.06 21.19 21.13
C GLN A 66 -27.98 21.38 22.34
N GLY A 67 -27.38 21.56 23.51
CA GLY A 67 -28.14 21.83 24.74
C GLY A 67 -28.14 23.29 25.12
N ASN A 68 -27.69 24.15 24.20
CA ASN A 68 -27.60 25.59 24.46
C ASN A 68 -28.50 26.46 23.57
N ASN A 69 -29.50 25.83 22.97
CA ASN A 69 -30.54 26.54 22.23
C ASN A 69 -31.81 26.67 23.08
N SER A 70 -32.76 27.48 22.64
CA SER A 70 -34.03 27.58 23.32
C SER A 70 -34.97 26.50 22.77
N GLU A 71 -36.17 26.42 23.32
CA GLU A 71 -37.20 25.54 22.79
C GLU A 71 -38.05 26.25 21.74
N GLY A 72 -37.72 27.51 21.47
CA GLY A 72 -38.43 28.31 20.49
C GLY A 72 -37.92 28.11 19.08
N ALA A 73 -37.79 29.22 18.34
CA ALA A 73 -37.47 29.21 16.90
C ALA A 73 -36.09 28.64 16.56
N ASP A 74 -35.12 28.87 17.44
CA ASP A 74 -33.70 28.58 17.20
C ASP A 74 -33.27 27.19 17.66
N ALA A 75 -34.24 26.30 17.86
CA ALA A 75 -34.03 25.02 18.55
C ALA A 75 -33.10 24.03 17.83
N GLN A 76 -32.88 24.22 16.53
CA GLN A 76 -32.06 23.30 15.76
C GLN A 76 -30.63 23.76 15.47
N THR A 77 -30.32 25.03 15.70
CA THR A 77 -28.98 25.57 15.45
C THR A 77 -27.90 24.68 16.04
N GLY A 78 -27.03 24.16 15.18
CA GLY A 78 -25.90 23.35 15.60
C GLY A 78 -26.20 21.87 15.77
N ASN A 79 -27.46 21.48 15.53
CA ASN A 79 -27.82 20.06 15.48
C ASN A 79 -27.49 19.49 14.12
N LYS A 80 -26.90 18.29 14.10
CA LYS A 80 -26.39 17.69 12.87
C LYS A 80 -26.00 16.23 13.02
N THR A 81 -25.98 15.52 11.89
CA THR A 81 -25.38 14.21 11.81
C THR A 81 -23.87 14.40 11.66
N ARG A 82 -23.10 13.72 12.51
CA ARG A 82 -21.66 13.74 12.42
C ARG A 82 -21.20 12.58 11.53
N LEU A 83 -21.67 11.38 11.84
CA LEU A 83 -21.30 10.19 11.06
C LEU A 83 -22.52 9.40 10.64
N ALA A 84 -22.46 8.84 9.43
CA ALA A 84 -23.49 7.94 8.91
C ALA A 84 -22.93 7.11 7.76
N PHE A 85 -22.44 5.92 8.08
CA PHE A 85 -21.82 5.05 7.08
C PHE A 85 -22.06 3.57 7.34
N ALA A 86 -22.14 2.80 6.25
CA ALA A 86 -22.24 1.36 6.32
C ALA A 86 -21.08 0.75 5.53
N GLY A 87 -20.61 -0.42 5.95
CA GLY A 87 -19.41 -1.02 5.36
C GLY A 87 -19.20 -2.51 5.55
N LEU A 88 -18.27 -3.06 4.77
CA LEU A 88 -17.95 -4.48 4.79
C LEU A 88 -16.46 -4.68 5.03
N LYS A 89 -16.11 -5.76 5.71
CA LYS A 89 -14.71 -6.11 5.96
C LYS A 89 -14.47 -7.60 5.71
N TYR A 90 -13.57 -7.89 4.79
CA TYR A 90 -13.27 -9.25 4.41
C TYR A 90 -11.89 -9.69 4.89
N ALA A 91 -11.89 -10.71 5.76
CA ALA A 91 -10.68 -11.28 6.37
C ALA A 91 -9.49 -10.30 6.47
N ASP A 92 -8.47 -10.50 5.65
CA ASP A 92 -7.30 -9.62 5.62
C ASP A 92 -7.26 -8.73 4.37
N VAL A 93 -8.25 -8.87 3.50
CA VAL A 93 -8.33 -8.08 2.26
C VAL A 93 -8.68 -6.62 2.55
N GLY A 94 -9.09 -6.37 3.80
CA GLY A 94 -9.38 -5.02 4.24
C GLY A 94 -10.86 -4.72 4.36
N SER A 95 -11.20 -3.43 4.25
CA SER A 95 -12.56 -2.99 4.46
C SER A 95 -12.92 -1.82 3.57
N PHE A 96 -14.18 -1.79 3.17
CA PHE A 96 -14.74 -0.71 2.38
C PHE A 96 -15.96 -0.21 3.10
N ASP A 97 -16.08 1.11 3.23
CA ASP A 97 -17.31 1.73 3.69
C ASP A 97 -17.63 3.01 2.93
N TYR A 98 -18.90 3.39 2.94
CA TYR A 98 -19.35 4.57 2.25
C TYR A 98 -20.38 5.32 3.10
N GLY A 99 -20.37 6.65 3.00
CA GLY A 99 -21.34 7.48 3.69
C GLY A 99 -20.70 8.75 4.21
N ARG A 100 -21.27 9.32 5.26
CA ARG A 100 -20.61 10.43 5.95
C ARG A 100 -19.58 9.88 6.93
N ASN A 101 -18.33 10.27 6.72
CA ASN A 101 -17.21 9.83 7.55
C ASN A 101 -16.07 10.83 7.50
N TYR A 102 -15.02 10.55 8.25
CA TYR A 102 -13.81 11.38 8.24
C TYR A 102 -13.05 11.22 6.93
N GLY A 103 -12.61 12.35 6.38
CA GLY A 103 -11.67 12.35 5.25
C GLY A 103 -10.38 11.66 5.62
N VAL A 104 -9.64 11.20 4.60
CA VAL A 104 -8.41 10.43 4.83
C VAL A 104 -7.30 11.19 5.54
N VAL A 105 -7.23 12.50 5.33
CA VAL A 105 -6.19 13.33 5.96
C VAL A 105 -6.36 13.42 7.49
N TYR A 106 -7.59 13.24 7.98
CA TYR A 106 -7.81 13.11 9.42
C TYR A 106 -7.05 11.90 9.99
N ASP A 107 -6.69 10.95 9.13
CA ASP A 107 -5.85 9.82 9.56
C ASP A 107 -4.57 10.36 10.18
N ALA A 108 -4.04 11.43 9.59
CA ALA A 108 -2.91 12.15 10.16
C ALA A 108 -3.34 13.02 11.35
N LEU A 109 -4.10 14.08 11.06
CA LEU A 109 -4.48 15.12 12.02
C LEU A 109 -5.05 14.61 13.35
N GLY A 110 -5.64 13.41 13.33
CA GLY A 110 -6.21 12.81 14.53
C GLY A 110 -5.17 12.61 15.61
N TYR A 111 -3.90 12.71 15.21
CA TYR A 111 -2.76 12.53 16.09
C TYR A 111 -2.70 13.58 17.21
N THR A 112 -3.06 14.81 16.88
CA THR A 112 -3.01 15.91 17.82
C THR A 112 -4.40 16.33 18.32
N ASP A 113 -5.43 15.67 17.80
CA ASP A 113 -6.83 15.94 18.17
C ASP A 113 -7.17 15.18 19.45
N MET A 114 -6.39 15.43 20.50
CA MET A 114 -6.52 14.70 21.75
C MET A 114 -6.79 15.65 22.91
N LEU A 115 -7.07 16.91 22.59
CA LEU A 115 -7.30 17.92 23.63
C LEU A 115 -8.69 17.76 24.25
N PRO A 116 -8.82 18.07 25.56
CA PRO A 116 -10.07 17.86 26.31
C PRO A 116 -11.30 18.53 25.67
N GLU A 117 -11.11 19.74 25.14
CA GLU A 117 -12.18 20.46 24.46
C GLU A 117 -11.77 20.94 23.07
N PHE A 118 -10.72 21.76 23.01
CA PHE A 118 -10.32 22.37 21.75
C PHE A 118 -9.32 21.49 20.98
N GLY A 119 -8.34 22.12 20.31
CA GLY A 119 -7.38 21.39 19.49
C GLY A 119 -7.96 20.91 18.17
N GLY A 120 -7.11 20.31 17.34
CA GLY A 120 -7.53 19.81 16.02
C GLY A 120 -8.22 20.87 15.18
N ASP A 121 -7.67 22.07 15.21
CA ASP A 121 -8.28 23.23 14.55
C ASP A 121 -8.30 23.08 13.04
N THR A 122 -7.35 22.32 12.49
CA THR A 122 -7.23 22.14 11.04
C THR A 122 -8.17 21.07 10.47
N ALA A 123 -8.67 20.21 11.35
CA ALA A 123 -9.63 19.16 10.97
C ALA A 123 -11.05 19.72 10.78
N TYR A 124 -11.19 20.68 9.87
CA TYR A 124 -12.48 21.29 9.58
C TYR A 124 -13.45 20.26 9.00
N SER A 125 -14.69 20.29 9.48
CA SER A 125 -15.72 19.43 8.93
C SER A 125 -16.33 20.06 7.67
N ASP A 126 -16.78 19.21 6.75
CA ASP A 126 -17.21 19.59 5.40
C ASP A 126 -16.14 20.45 4.69
N ASP A 127 -14.92 19.91 4.64
CA ASP A 127 -13.76 20.59 4.09
C ASP A 127 -12.80 19.60 3.43
N PHE A 128 -13.29 18.96 2.38
CA PHE A 128 -12.52 17.96 1.61
C PHE A 128 -12.05 16.75 2.41
N PHE A 129 -10.75 16.69 2.73
CA PHE A 129 -10.17 15.47 3.28
C PHE A 129 -9.75 15.55 4.76
N VAL A 130 -9.85 16.75 5.35
CA VAL A 130 -9.32 16.99 6.70
C VAL A 130 -10.23 16.55 7.86
N GLY A 131 -11.54 16.71 7.71
CA GLY A 131 -12.49 16.34 8.76
C GLY A 131 -13.60 15.46 8.24
N ARG A 132 -14.76 15.52 8.89
CA ARG A 132 -15.93 14.78 8.46
C ARG A 132 -16.47 15.36 7.16
N VAL A 133 -16.91 14.47 6.26
CA VAL A 133 -17.49 14.87 4.98
C VAL A 133 -18.54 13.86 4.56
N GLY A 134 -19.51 14.31 3.77
CA GLY A 134 -20.54 13.44 3.26
C GLY A 134 -20.17 12.92 1.89
N GLY A 135 -20.31 11.61 1.69
CA GLY A 135 -20.11 10.99 0.38
C GLY A 135 -18.69 10.54 0.08
N VAL A 136 -18.10 9.77 1.00
CA VAL A 136 -16.73 9.26 0.82
C VAL A 136 -16.66 7.74 0.76
N ALA A 137 -16.10 7.22 -0.34
CA ALA A 137 -15.79 5.81 -0.43
C ALA A 137 -14.41 5.63 0.19
N THR A 138 -14.29 4.73 1.16
CA THR A 138 -13.02 4.57 1.87
C THR A 138 -12.61 3.11 2.00
N TYR A 139 -11.56 2.74 1.27
CA TYR A 139 -10.96 1.42 1.44
C TYR A 139 -9.85 1.52 2.47
N ARG A 140 -9.76 0.54 3.36
CA ARG A 140 -8.77 0.55 4.42
C ARG A 140 -8.11 -0.82 4.59
N ASN A 141 -6.80 -0.81 4.76
CA ASN A 141 -6.02 -2.04 4.92
C ASN A 141 -5.16 -2.08 6.17
N SER A 142 -5.30 -3.15 6.93
CA SER A 142 -4.51 -3.35 8.15
C SER A 142 -3.41 -4.37 7.92
N ASN A 143 -2.21 -4.04 8.39
CA ASN A 143 -1.06 -4.95 8.37
C ASN A 143 -0.70 -5.47 6.97
N PHE A 144 -0.93 -4.63 5.96
CA PHE A 144 -0.71 -4.96 4.56
C PHE A 144 -1.14 -6.39 4.22
N PHE A 145 -2.45 -6.58 4.10
CA PHE A 145 -3.04 -7.90 3.77
C PHE A 145 -2.56 -9.03 4.71
N GLY A 146 -2.30 -8.67 5.97
CA GLY A 146 -1.88 -9.63 7.00
C GLY A 146 -0.44 -10.09 6.88
N LEU A 147 0.41 -9.27 6.25
CA LEU A 147 1.77 -9.69 5.91
C LEU A 147 2.87 -8.84 6.52
N VAL A 148 2.57 -7.57 6.81
CA VAL A 148 3.56 -6.66 7.41
C VAL A 148 2.96 -5.94 8.61
N ASP A 149 3.21 -6.50 9.80
CA ASP A 149 2.64 -5.98 11.08
C ASP A 149 2.85 -4.48 11.29
N GLY A 150 1.76 -3.80 11.61
CA GLY A 150 1.81 -2.37 11.96
C GLY A 150 1.75 -1.42 10.79
N LEU A 151 1.78 -1.95 9.57
CA LEU A 151 1.72 -1.13 8.37
C LEU A 151 0.30 -1.08 7.81
N ASN A 152 -0.28 0.12 7.84
CA ASN A 152 -1.64 0.34 7.38
C ASN A 152 -1.69 1.39 6.28
N PHE A 153 -2.43 1.10 5.22
CA PHE A 153 -2.71 2.09 4.21
C PHE A 153 -4.21 2.18 3.95
N ALA A 154 -4.61 3.23 3.25
CA ALA A 154 -6.02 3.53 3.04
C ALA A 154 -6.19 4.48 1.87
N VAL A 155 -7.27 4.29 1.11
CA VAL A 155 -7.59 5.15 -0.01
C VAL A 155 -9.05 5.62 0.08
N GLN A 156 -9.30 6.86 -0.34
CA GLN A 156 -10.63 7.45 -0.21
C GLN A 156 -11.04 8.20 -1.46
N TYR A 157 -12.29 8.01 -1.86
CA TYR A 157 -12.85 8.68 -3.03
C TYR A 157 -14.02 9.56 -2.59
N LEU A 158 -13.83 10.87 -2.76
CA LEU A 158 -14.82 11.86 -2.35
C LEU A 158 -15.64 12.29 -3.57
N GLY A 159 -16.93 11.97 -3.53
CA GLY A 159 -17.87 12.42 -4.54
C GLY A 159 -18.20 13.90 -4.33
N LYS A 160 -18.46 14.61 -5.41
CA LYS A 160 -18.75 16.04 -5.35
C LYS A 160 -19.97 16.36 -4.49
N ASN A 161 -19.91 17.50 -3.80
CA ASN A 161 -21.01 18.02 -3.02
C ASN A 161 -21.29 19.46 -3.42
N GLU A 162 -22.23 19.66 -4.34
CA GLU A 162 -22.62 21.01 -4.72
C GLU A 162 -23.68 21.55 -3.76
N ARG A 163 -23.22 22.22 -2.71
CA ARG A 163 -24.11 22.75 -1.68
C ARG A 163 -24.48 24.20 -1.97
N ASP A 164 -25.35 24.77 -1.13
CA ASP A 164 -25.84 26.14 -1.33
C ASP A 164 -24.81 27.19 -0.92
N THR A 165 -23.81 26.76 -0.15
CA THR A 165 -22.72 27.63 0.27
C THR A 165 -21.39 27.04 -0.19
N ALA A 166 -20.43 27.90 -0.53
CA ALA A 166 -19.10 27.47 -0.97
C ALA A 166 -18.30 26.79 0.14
N ARG A 167 -18.51 27.27 1.37
CA ARG A 167 -17.85 26.72 2.56
C ARG A 167 -18.05 25.20 2.73
N ARG A 168 -19.23 24.71 2.38
CA ARG A 168 -19.58 23.30 2.61
C ARG A 168 -19.54 22.44 1.33
N SER A 169 -19.22 23.07 0.20
CA SER A 169 -19.21 22.43 -1.11
C SER A 169 -17.87 21.76 -1.41
N ASN A 170 -17.87 20.85 -2.38
CA ASN A 170 -16.65 20.25 -2.92
C ASN A 170 -16.91 19.52 -4.24
N GLY A 171 -15.85 19.30 -5.02
CA GLY A 171 -15.93 18.51 -6.24
C GLY A 171 -15.38 17.11 -6.04
N ASP A 172 -15.28 16.35 -7.14
CA ASP A 172 -14.70 15.01 -7.12
C ASP A 172 -13.23 15.05 -6.74
N GLY A 173 -12.79 14.04 -6.00
CA GLY A 173 -11.43 13.99 -5.52
C GLY A 173 -10.99 12.63 -5.03
N VAL A 174 -9.68 12.45 -4.97
CA VAL A 174 -9.06 11.25 -4.46
C VAL A 174 -8.08 11.64 -3.36
N GLY A 175 -7.96 10.81 -2.34
CA GLY A 175 -6.99 10.99 -1.29
C GLY A 175 -6.57 9.66 -0.71
N GLY A 176 -5.53 9.68 0.12
CA GLY A 176 -5.03 8.46 0.75
C GLY A 176 -4.12 8.71 1.93
N SER A 177 -3.77 7.62 2.62
CA SER A 177 -2.86 7.70 3.75
C SER A 177 -2.05 6.40 3.94
N ILE A 178 -0.78 6.57 4.30
CA ILE A 178 0.07 5.47 4.69
C ILE A 178 0.47 5.68 6.14
N SER A 179 0.47 4.61 6.93
CA SER A 179 0.78 4.71 8.36
C SER A 179 1.48 3.46 8.88
N TYR A 180 2.40 3.67 9.81
CA TYR A 180 3.18 2.59 10.39
C TYR A 180 3.33 2.79 11.89
N GLU A 181 3.12 1.72 12.65
CA GLU A 181 3.15 1.76 14.11
C GLU A 181 4.08 0.68 14.68
N TYR A 182 5.07 1.10 15.45
CA TYR A 182 6.08 0.19 15.99
C TYR A 182 6.39 0.49 17.45
N GLU A 183 6.22 -0.53 18.30
CA GLU A 183 6.54 -0.48 19.74
C GLU A 183 6.32 0.90 20.38
N GLY A 184 5.05 1.29 20.51
CA GLY A 184 4.69 2.60 21.05
C GLY A 184 4.62 3.73 20.04
N PHE A 185 5.58 3.76 19.11
CA PHE A 185 5.69 4.83 18.11
C PHE A 185 4.67 4.69 16.98
N GLY A 186 4.47 5.79 16.24
CA GLY A 186 3.52 5.84 15.13
C GLY A 186 3.82 6.95 14.15
N ILE A 187 4.02 6.58 12.89
CA ILE A 187 4.32 7.53 11.80
C ILE A 187 3.22 7.43 10.74
N VAL A 188 2.72 8.60 10.30
CA VAL A 188 1.61 8.67 9.35
C VAL A 188 1.86 9.77 8.32
N GLY A 189 1.54 9.46 7.07
CA GLY A 189 1.50 10.46 6.00
C GLY A 189 0.16 10.39 5.30
N ALA A 190 -0.36 11.55 4.88
CA ALA A 190 -1.65 11.61 4.23
C ALA A 190 -1.70 12.75 3.21
N TYR A 191 -2.39 12.49 2.10
CA TYR A 191 -2.52 13.45 1.01
C TYR A 191 -3.87 13.28 0.30
N GLY A 192 -4.37 14.37 -0.29
CA GLY A 192 -5.61 14.35 -1.06
C GLY A 192 -5.83 15.60 -1.89
N ALA A 193 -6.37 15.42 -3.10
CA ALA A 193 -6.66 16.53 -4.01
C ALA A 193 -8.08 16.44 -4.54
N ALA A 194 -8.69 17.59 -4.85
CA ALA A 194 -10.07 17.62 -5.35
C ALA A 194 -10.40 18.86 -6.16
N ASP A 195 -11.43 18.75 -7.00
CA ASP A 195 -11.95 19.87 -7.78
C ASP A 195 -12.68 20.87 -6.89
N ARG A 196 -12.46 22.15 -7.13
CA ARG A 196 -13.30 23.18 -6.52
C ARG A 196 -14.52 23.39 -7.40
N THR A 197 -15.68 23.59 -6.78
CA THR A 197 -16.92 23.82 -7.49
C THR A 197 -16.97 25.23 -8.08
N ASN A 198 -17.87 25.44 -9.04
CA ASN A 198 -18.08 26.77 -9.62
C ASN A 198 -18.21 27.85 -8.57
N LEU A 199 -19.06 27.59 -7.56
CA LEU A 199 -19.33 28.54 -6.48
C LEU A 199 -18.10 28.83 -5.62
N GLN A 200 -17.18 27.87 -5.55
CA GLN A 200 -15.93 28.07 -4.82
C GLN A 200 -14.95 28.92 -5.63
N GLU A 201 -14.99 28.78 -6.95
CA GLU A 201 -14.14 29.54 -7.87
C GLU A 201 -14.53 31.02 -7.86
N ALA A 202 -15.83 31.29 -7.81
CA ALA A 202 -16.40 32.64 -7.85
C ALA A 202 -16.25 33.39 -6.52
N GLN A 203 -15.46 32.83 -5.61
CA GLN A 203 -15.22 33.42 -4.29
C GLN A 203 -14.03 34.38 -4.30
N PRO A 204 -14.18 35.55 -3.67
CA PRO A 204 -13.13 36.58 -3.63
C PRO A 204 -11.80 36.10 -3.05
N LEU A 205 -11.86 35.15 -2.11
CA LEU A 205 -10.65 34.60 -1.49
C LEU A 205 -10.45 33.15 -1.93
N GLY A 206 -9.27 32.86 -2.44
CA GLY A 206 -8.95 31.52 -2.93
C GLY A 206 -8.99 31.48 -4.45
N ASN A 207 -7.85 31.15 -5.04
CA ASN A 207 -7.69 31.15 -6.49
C ASN A 207 -7.17 29.82 -7.03
N GLY A 208 -7.93 29.22 -7.93
CA GLY A 208 -7.56 27.94 -8.54
C GLY A 208 -8.76 27.04 -8.83
N LYS A 209 -8.50 25.90 -9.44
CA LYS A 209 -9.53 24.90 -9.75
C LYS A 209 -9.25 23.59 -9.04
N LYS A 210 -8.18 23.56 -8.25
CA LYS A 210 -7.73 22.34 -7.59
C LYS A 210 -7.36 22.61 -6.14
N ALA A 211 -7.94 21.84 -5.23
CA ALA A 211 -7.67 21.97 -3.80
C ALA A 211 -6.85 20.79 -3.28
N GLU A 212 -5.84 21.08 -2.48
CA GLU A 212 -4.95 20.03 -1.93
C GLU A 212 -4.80 20.15 -0.42
N GLN A 213 -4.54 19.01 0.23
CA GLN A 213 -4.34 18.94 1.67
C GLN A 213 -3.42 17.77 1.97
N TRP A 214 -2.26 18.05 2.57
CA TRP A 214 -1.38 16.99 3.04
C TRP A 214 -0.89 17.24 4.47
N ALA A 215 -0.66 16.15 5.20
CA ALA A 215 -0.18 16.24 6.57
C ALA A 215 0.57 14.98 7.00
N THR A 216 1.65 15.17 7.76
CA THR A 216 2.42 14.06 8.35
C THR A 216 2.03 13.90 9.81
N GLY A 217 2.38 12.74 10.39
CA GLY A 217 2.09 12.45 11.78
C GLY A 217 3.22 11.72 12.47
N LEU A 218 3.50 12.11 13.70
CA LEU A 218 4.51 11.46 14.53
C LEU A 218 4.04 11.45 15.97
N LYS A 219 4.14 10.30 16.63
CA LYS A 219 3.61 10.14 17.96
C LYS A 219 4.30 9.07 18.78
N TYR A 220 4.39 9.31 20.09
CA TYR A 220 4.65 8.24 21.05
C TYR A 220 3.39 8.05 21.91
N ASP A 221 2.97 6.79 22.04
CA ASP A 221 1.73 6.47 22.73
C ASP A 221 1.81 5.09 23.41
N ALA A 222 2.61 5.03 24.48
CA ALA A 222 2.66 3.88 25.39
C ALA A 222 3.14 4.36 26.75
N ASN A 223 3.03 3.51 27.76
CA ASN A 223 3.47 3.84 29.13
C ASN A 223 2.98 5.19 29.65
N ASN A 224 1.67 5.42 29.54
CA ASN A 224 0.99 6.60 30.09
C ASN A 224 1.35 7.97 29.50
N ILE A 225 2.25 7.98 28.53
CA ILE A 225 2.70 9.22 27.89
C ILE A 225 2.13 9.33 26.49
N TYR A 226 1.59 10.49 26.15
CA TYR A 226 1.15 10.77 24.79
C TYR A 226 1.77 12.06 24.27
N LEU A 227 2.70 11.91 23.33
CA LEU A 227 3.26 13.04 22.58
C LEU A 227 2.86 12.90 21.12
N ALA A 228 2.72 14.02 20.42
CA ALA A 228 2.28 13.99 19.03
C ALA A 228 2.61 15.27 18.28
N ALA A 229 2.93 15.13 17.00
CA ALA A 229 3.28 16.25 16.15
C ALA A 229 2.63 16.13 14.76
N ASN A 230 2.19 17.26 14.22
CA ASN A 230 1.60 17.31 12.90
C ASN A 230 2.10 18.51 12.10
N TYR A 231 2.52 18.27 10.86
CA TYR A 231 2.80 19.35 9.92
C TYR A 231 1.95 19.18 8.67
N GLY A 232 1.32 20.26 8.22
CA GLY A 232 0.46 20.21 7.05
C GLY A 232 0.50 21.45 6.18
N GLU A 233 0.18 21.26 4.90
CA GLU A 233 0.02 22.36 3.97
C GLU A 233 -1.24 22.18 3.15
N THR A 234 -1.81 23.28 2.67
CA THR A 234 -3.05 23.23 1.88
C THR A 234 -3.03 24.23 0.73
N ARG A 235 -3.40 23.78 -0.47
CA ARG A 235 -3.71 24.68 -1.56
C ARG A 235 -5.23 24.79 -1.65
N ASN A 236 -5.73 26.02 -1.76
CA ASN A 236 -7.14 26.30 -2.04
C ASN A 236 -8.15 25.48 -1.22
N ALA A 237 -7.77 25.12 0.00
CA ALA A 237 -8.56 24.18 0.81
C ALA A 237 -9.12 24.76 2.11
N THR A 238 -8.27 25.41 2.91
CA THR A 238 -8.67 25.95 4.21
C THR A 238 -9.63 27.13 4.04
N PRO A 239 -10.78 27.10 4.74
CA PRO A 239 -11.76 28.19 4.63
C PRO A 239 -11.38 29.38 5.49
N ILE A 240 -11.46 30.57 4.92
CA ILE A 240 -11.13 31.81 5.64
C ILE A 240 -12.22 32.86 5.51
N THR A 241 -12.32 33.73 6.51
CA THR A 241 -13.31 34.81 6.52
C THR A 241 -12.65 36.14 6.87
N ASN A 242 -12.94 37.17 6.08
CA ASN A 242 -12.51 38.53 6.38
C ASN A 242 -13.60 39.26 7.16
N LYS A 243 -13.44 39.27 8.48
CA LYS A 243 -14.42 39.90 9.38
C LYS A 243 -14.50 41.41 9.24
N PHE A 244 -13.54 42.00 8.53
CA PHE A 244 -13.54 43.44 8.26
C PHE A 244 -14.42 43.83 7.08
N THR A 245 -14.81 42.85 6.26
CA THR A 245 -15.61 43.15 5.05
C THR A 245 -16.73 42.16 4.75
N ASN A 246 -16.92 41.17 5.63
CA ASN A 246 -17.90 40.09 5.43
C ASN A 246 -17.57 39.21 4.22
N THR A 247 -16.29 39.16 3.88
CA THR A 247 -15.80 38.34 2.79
C THR A 247 -15.47 36.95 3.32
N SER A 248 -15.69 35.94 2.49
CA SER A 248 -15.27 34.57 2.80
C SER A 248 -14.73 33.87 1.56
N GLY A 249 -14.22 32.65 1.75
CA GLY A 249 -13.65 31.87 0.66
C GLY A 249 -12.62 30.90 1.21
N PHE A 250 -11.47 30.81 0.53
CA PHE A 250 -10.40 29.89 0.95
C PHE A 250 -9.02 30.54 0.92
N ALA A 251 -8.08 29.97 1.67
CA ALA A 251 -6.70 30.46 1.71
C ALA A 251 -5.81 29.68 0.73
N ASN A 252 -5.21 30.41 -0.21
CA ASN A 252 -4.34 29.84 -1.24
C ASN A 252 -3.24 28.91 -0.73
N LYS A 253 -2.63 29.27 0.40
CA LYS A 253 -1.67 28.41 1.09
C LYS A 253 -1.84 28.50 2.60
N THR A 254 -1.71 27.36 3.28
CA THR A 254 -1.54 27.36 4.72
C THR A 254 -0.42 26.43 5.13
N GLN A 255 0.33 26.83 6.15
CA GLN A 255 1.24 25.94 6.87
C GLN A 255 0.63 25.72 8.24
N ASP A 256 0.62 24.47 8.70
CA ASP A 256 -0.09 24.11 9.93
C ASP A 256 0.78 23.26 10.84
N VAL A 257 1.04 23.78 12.04
CA VAL A 257 1.83 23.04 13.03
C VAL A 257 0.97 22.72 14.26
N LEU A 258 1.07 21.46 14.71
CA LEU A 258 0.30 20.96 15.84
C LEU A 258 1.18 20.09 16.72
N LEU A 259 1.34 20.49 17.98
CA LEU A 259 2.11 19.72 18.95
C LEU A 259 1.28 19.49 20.21
N VAL A 260 1.43 18.31 20.80
CA VAL A 260 0.60 17.90 21.94
C VAL A 260 1.41 17.01 22.88
N ALA A 261 1.30 17.29 24.17
CA ALA A 261 1.93 16.49 25.21
C ALA A 261 0.93 16.27 26.34
N GLN A 262 0.77 15.01 26.73
CA GLN A 262 -0.20 14.62 27.75
C GLN A 262 0.34 13.49 28.62
N TYR A 263 -0.22 13.33 29.80
CA TYR A 263 0.13 12.22 30.68
C TYR A 263 -1.12 11.69 31.38
N GLN A 264 -1.12 10.40 31.70
CA GLN A 264 -2.25 9.79 32.38
C GLN A 264 -1.84 9.15 33.70
N PHE A 265 -2.26 9.78 34.80
CA PHE A 265 -2.01 9.25 36.13
C PHE A 265 -3.02 8.15 36.45
N ASP A 266 -2.55 7.10 37.12
CA ASP A 266 -3.41 5.96 37.50
C ASP A 266 -4.66 6.38 38.29
N PHE A 267 -4.58 7.45 39.06
CA PHE A 267 -5.71 7.93 39.86
C PHE A 267 -6.78 8.70 39.07
N GLY A 268 -6.46 9.06 37.82
CA GLY A 268 -7.48 9.61 36.93
C GLY A 268 -7.14 10.88 36.17
N LEU A 269 -6.10 11.59 36.59
CA LEU A 269 -5.81 12.90 36.01
C LEU A 269 -5.02 12.82 34.70
N ARG A 270 -5.53 13.49 33.68
CA ARG A 270 -4.86 13.60 32.38
C ARG A 270 -4.61 15.07 32.02
N PRO A 271 -3.49 15.65 32.52
CA PRO A 271 -3.08 17.00 32.14
C PRO A 271 -2.66 17.07 30.68
N SER A 272 -2.70 18.27 30.11
CA SER A 272 -2.50 18.46 28.69
C SER A 272 -1.80 19.79 28.39
N ILE A 273 -0.68 19.71 27.68
CA ILE A 273 -0.01 20.89 27.16
C ILE A 273 -0.04 20.75 25.64
N ALA A 274 -0.31 21.86 24.94
CA ALA A 274 -0.38 21.81 23.48
C ALA A 274 0.02 23.11 22.82
N TYR A 275 0.68 22.99 21.66
CA TYR A 275 1.00 24.14 20.83
C TYR A 275 0.32 23.99 19.47
N THR A 276 -0.24 25.08 18.96
CA THR A 276 -0.95 25.10 17.68
C THR A 276 -0.77 26.42 16.93
N LYS A 277 -0.21 26.34 15.73
CA LYS A 277 -0.06 27.50 14.88
C LYS A 277 -0.41 27.17 13.43
N SER A 278 -1.18 28.07 12.81
CA SER A 278 -1.64 27.90 11.44
C SER A 278 -1.59 29.24 10.71
N LYS A 279 -0.64 29.37 9.79
CA LYS A 279 -0.46 30.60 9.02
C LYS A 279 -0.93 30.43 7.58
N ALA A 280 -1.57 31.48 7.05
CA ALA A 280 -2.07 31.49 5.68
C ALA A 280 -1.25 32.44 4.81
N LYS A 281 -0.88 31.96 3.63
CA LYS A 281 -0.05 32.73 2.72
C LYS A 281 -0.80 33.17 1.47
N ASP A 282 -0.39 34.31 0.91
CA ASP A 282 -0.94 34.88 -0.34
C ASP A 282 -2.44 35.16 -0.31
N VAL A 283 -2.91 35.75 0.78
CA VAL A 283 -4.32 36.10 0.93
C VAL A 283 -4.58 37.44 0.24
N GLU A 284 -5.45 37.40 -0.78
CA GLU A 284 -5.68 38.53 -1.68
C GLU A 284 -6.16 39.81 -1.00
N GLY A 285 -5.32 40.84 -1.06
CA GLY A 285 -5.57 42.11 -0.39
C GLY A 285 -5.12 42.11 1.06
N ILE A 286 -4.30 41.13 1.44
CA ILE A 286 -3.74 41.03 2.78
C ILE A 286 -2.30 40.54 2.73
N GLY A 287 -2.10 39.32 2.20
CA GLY A 287 -0.79 38.68 2.17
C GLY A 287 -0.70 37.50 3.12
N ASP A 288 0.07 37.66 4.19
CA ASP A 288 0.29 36.60 5.17
C ASP A 288 -0.47 36.84 6.47
N VAL A 289 -1.48 36.01 6.72
CA VAL A 289 -2.30 36.10 7.93
C VAL A 289 -2.14 34.87 8.80
N ASP A 290 -2.19 35.06 10.12
CA ASP A 290 -2.27 33.95 11.06
C ASP A 290 -3.73 33.71 11.44
N LEU A 291 -4.15 32.45 11.35
CA LEU A 291 -5.54 32.07 11.58
C LEU A 291 -5.72 31.44 12.95
N VAL A 292 -4.76 30.60 13.33
CA VAL A 292 -4.80 29.91 14.61
C VAL A 292 -3.40 30.01 15.23
N ASN A 293 -3.34 30.46 16.48
CA ASN A 293 -2.07 30.67 17.15
C ASN A 293 -2.29 30.69 18.66
N TYR A 294 -1.94 29.60 19.33
CA TYR A 294 -2.15 29.50 20.77
C TYR A 294 -1.28 28.47 21.47
N PHE A 295 -1.10 28.67 22.77
CA PHE A 295 -0.61 27.62 23.66
C PHE A 295 -1.82 27.13 24.45
N GLU A 296 -1.81 25.86 24.82
CA GLU A 296 -2.93 25.26 25.51
C GLU A 296 -2.45 24.60 26.79
N VAL A 297 -3.15 24.91 27.87
CA VAL A 297 -2.95 24.24 29.15
C VAL A 297 -4.31 23.71 29.57
N GLY A 298 -4.37 22.45 29.98
CA GLY A 298 -5.63 21.85 30.38
C GLY A 298 -5.48 20.53 31.09
N ALA A 299 -6.58 20.06 31.68
CA ALA A 299 -6.58 18.77 32.35
C ALA A 299 -7.95 18.11 32.23
N THR A 300 -7.99 16.80 32.47
CA THR A 300 -9.24 16.05 32.45
C THR A 300 -9.16 15.04 33.59
N TYR A 301 -10.16 15.06 34.46
CA TYR A 301 -10.22 14.08 35.53
C TYR A 301 -11.17 12.96 35.16
N TYR A 302 -10.63 11.73 35.10
CA TYR A 302 -11.45 10.56 34.82
C TYR A 302 -11.84 9.87 36.13
N PHE A 303 -13.06 10.15 36.60
CA PHE A 303 -13.64 9.43 37.73
C PHE A 303 -13.75 7.93 37.39
N ASN A 304 -14.19 7.67 36.16
CA ASN A 304 -14.10 6.36 35.52
C ASN A 304 -14.36 6.50 34.01
N LYS A 305 -14.58 5.37 33.33
CA LYS A 305 -14.85 5.36 31.89
C LYS A 305 -16.17 6.04 31.50
N ASN A 306 -17.00 6.34 32.50
CA ASN A 306 -18.30 6.97 32.27
C ASN A 306 -18.38 8.42 32.72
N MET A 307 -17.62 8.79 33.76
CA MET A 307 -17.71 10.14 34.32
C MET A 307 -16.38 10.89 34.32
N SER A 308 -16.46 12.18 34.06
CA SER A 308 -15.29 13.05 33.99
C SER A 308 -15.63 14.53 34.11
N THR A 309 -14.62 15.31 34.50
CA THR A 309 -14.67 16.78 34.47
C THR A 309 -13.38 17.28 33.88
N TYR A 310 -13.39 18.49 33.34
CA TYR A 310 -12.20 19.03 32.69
C TYR A 310 -12.13 20.56 32.59
N VAL A 311 -10.91 21.06 32.68
CA VAL A 311 -10.62 22.46 32.40
C VAL A 311 -9.71 22.51 31.17
N ASP A 312 -9.97 23.47 30.29
CA ASP A 312 -9.16 23.67 29.10
C ASP A 312 -8.92 25.16 28.93
N TYR A 313 -7.66 25.57 29.05
CA TYR A 313 -7.28 26.98 28.97
C TYR A 313 -6.45 27.26 27.73
N ILE A 314 -6.97 28.16 26.89
CA ILE A 314 -6.29 28.60 25.68
C ILE A 314 -5.58 29.92 25.92
N ILE A 315 -4.27 29.93 25.75
CA ILE A 315 -3.48 31.17 25.74
C ILE A 315 -3.33 31.62 24.28
N ASN A 316 -4.22 32.52 23.87
CA ASN A 316 -4.34 32.90 22.47
C ASN A 316 -3.26 33.88 22.01
N GLN A 317 -2.32 33.38 21.22
CA GLN A 317 -1.17 34.17 20.77
C GLN A 317 -1.48 35.11 19.60
N ILE A 318 -2.70 35.02 19.06
CA ILE A 318 -3.16 35.94 18.02
C ILE A 318 -3.14 37.38 18.56
N ASP A 319 -2.73 38.32 17.72
CA ASP A 319 -2.59 39.73 18.16
C ASP A 319 -3.81 40.58 17.79
N SER A 320 -3.91 41.74 18.43
CA SER A 320 -5.08 42.62 18.34
C SER A 320 -5.31 43.22 16.95
N ASP A 321 -4.24 43.29 16.15
CA ASP A 321 -4.32 43.90 14.81
C ASP A 321 -4.33 42.89 13.66
N ASN A 322 -4.79 41.66 13.94
CA ASN A 322 -4.91 40.60 12.93
C ASN A 322 -5.72 41.05 11.72
N LYS A 323 -5.17 40.85 10.52
CA LYS A 323 -5.74 41.36 9.27
C LYS A 323 -7.16 40.86 8.94
N LEU A 324 -7.45 39.60 9.27
CA LEU A 324 -8.74 39.00 8.93
C LEU A 324 -9.80 39.15 10.03
N GLY A 325 -9.35 39.53 11.22
CA GLY A 325 -10.25 39.77 12.35
C GLY A 325 -10.41 38.57 13.27
N VAL A 326 -9.47 37.63 13.17
CA VAL A 326 -9.48 36.45 14.02
C VAL A 326 -9.33 36.90 15.48
N GLY A 327 -10.32 36.53 16.30
CA GLY A 327 -10.34 36.92 17.72
C GLY A 327 -9.04 36.59 18.43
N SER A 328 -8.53 37.56 19.17
CA SER A 328 -7.21 37.45 19.79
C SER A 328 -7.23 37.12 21.28
N ASP A 329 -8.42 37.08 21.87
CA ASP A 329 -8.56 36.88 23.31
C ASP A 329 -8.52 35.42 23.75
N ASP A 330 -8.12 35.21 25.01
CA ASP A 330 -8.11 33.89 25.61
C ASP A 330 -9.52 33.36 25.83
N THR A 331 -9.65 32.03 25.86
CA THR A 331 -10.91 31.36 26.18
C THR A 331 -10.65 30.18 27.10
N VAL A 332 -11.47 30.06 28.14
CA VAL A 332 -11.37 28.96 29.09
C VAL A 332 -12.67 28.16 29.05
N ALA A 333 -12.56 26.85 29.03
CA ALA A 333 -13.74 25.99 28.98
C ALA A 333 -13.78 25.01 30.15
N VAL A 334 -14.89 24.99 30.87
CA VAL A 334 -15.07 24.05 31.97
C VAL A 334 -16.19 23.08 31.62
N GLY A 335 -15.96 21.80 31.89
CA GLY A 335 -16.87 20.76 31.45
C GLY A 335 -17.18 19.69 32.46
N ILE A 336 -18.39 19.16 32.36
CA ILE A 336 -18.81 17.98 33.10
C ILE A 336 -19.48 17.01 32.12
N VAL A 337 -18.89 15.82 31.99
CA VAL A 337 -19.32 14.85 31.00
C VAL A 337 -19.82 13.57 31.66
N TYR A 338 -21.05 13.19 31.32
CA TYR A 338 -21.45 11.80 31.48
C TYR A 338 -21.55 11.16 30.10
N GLN A 339 -20.96 9.98 29.96
CA GLN A 339 -21.03 9.24 28.71
C GLN A 339 -21.29 7.78 28.99
N PHE A 340 -21.86 7.09 27.99
CA PHE A 340 -22.14 5.66 28.09
C PHE A 340 -21.87 4.96 26.76
N ALA B 1 4.51 -8.62 -32.29
CA ALA B 1 4.16 -7.62 -33.34
C ALA B 1 2.67 -7.29 -33.29
N GLU B 2 2.37 -5.99 -33.32
CA GLU B 2 0.98 -5.52 -33.36
C GLU B 2 0.39 -5.81 -34.74
N ILE B 3 -0.59 -6.69 -34.78
CA ILE B 3 -1.15 -7.20 -36.04
C ILE B 3 -2.64 -6.85 -36.18
N TYR B 4 -3.16 -6.14 -35.18
CA TYR B 4 -4.56 -5.71 -35.18
C TYR B 4 -4.72 -4.51 -34.26
N ASN B 5 -5.32 -3.44 -34.78
CA ASN B 5 -5.61 -2.25 -34.00
C ASN B 5 -6.84 -1.55 -34.56
N LYS B 6 -8.01 -2.09 -34.22
CA LYS B 6 -9.28 -1.53 -34.68
C LYS B 6 -10.29 -1.47 -33.55
N ASP B 7 -11.14 -0.44 -33.59
CA ASP B 7 -12.31 -0.32 -32.71
C ASP B 7 -12.04 -0.61 -31.23
N GLY B 8 -11.09 0.14 -30.67
CA GLY B 8 -10.76 0.04 -29.25
C GLY B 8 -10.31 -1.34 -28.81
N ASN B 9 -9.58 -2.03 -29.69
CA ASN B 9 -8.98 -3.33 -29.37
C ASN B 9 -7.71 -3.55 -30.16
N LYS B 10 -6.59 -3.69 -29.46
CA LYS B 10 -5.35 -4.05 -30.12
C LYS B 10 -4.86 -5.44 -29.69
N VAL B 11 -4.43 -6.20 -30.70
CA VAL B 11 -3.88 -7.53 -30.49
C VAL B 11 -2.42 -7.48 -30.92
N ASP B 12 -1.59 -8.18 -30.15
CA ASP B 12 -0.18 -8.32 -30.46
C ASP B 12 0.16 -9.81 -30.46
N LEU B 13 0.33 -10.38 -31.65
CA LEU B 13 0.80 -11.74 -31.76
C LEU B 13 2.30 -11.72 -31.87
N TYR B 14 2.97 -12.34 -30.91
CA TYR B 14 4.42 -12.33 -30.85
C TYR B 14 4.93 -13.74 -30.70
N GLY B 15 6.22 -13.93 -30.98
CA GLY B 15 6.87 -15.22 -30.79
C GLY B 15 8.34 -15.14 -31.12
N LYS B 16 9.07 -16.20 -30.82
CA LYS B 16 10.49 -16.28 -31.16
C LYS B 16 10.98 -17.68 -31.45
N ALA B 17 11.89 -17.76 -32.42
CA ALA B 17 12.61 -18.99 -32.74
C ALA B 17 14.02 -18.81 -32.25
N VAL B 18 14.44 -19.68 -31.33
CA VAL B 18 15.77 -19.59 -30.71
C VAL B 18 16.60 -20.82 -31.03
N GLY B 19 17.61 -20.62 -31.88
CA GLY B 19 18.61 -21.66 -32.14
C GLY B 19 19.61 -21.62 -31.00
N LEU B 20 19.72 -22.72 -30.28
CA LEU B 20 20.44 -22.74 -29.03
C LEU B 20 21.12 -24.08 -28.78
N HIS B 21 22.45 -24.04 -28.64
CA HIS B 21 23.23 -25.22 -28.27
C HIS B 21 23.93 -24.98 -26.93
N TYR B 22 24.06 -26.04 -26.13
CA TYR B 22 24.80 -26.01 -24.87
C TYR B 22 26.06 -26.85 -25.01
N PHE B 23 27.19 -26.29 -24.61
CA PHE B 23 28.46 -27.04 -24.59
C PHE B 23 28.90 -27.30 -23.16
N SER B 24 29.07 -28.59 -22.85
CA SER B 24 29.54 -29.03 -21.54
C SER B 24 30.27 -30.36 -21.66
N LYS B 25 31.31 -30.54 -20.84
CA LYS B 25 32.02 -31.82 -20.80
C LYS B 25 31.20 -32.87 -20.04
N GLY B 26 30.89 -33.98 -20.71
CA GLY B 26 30.11 -35.06 -20.09
C GLY B 26 29.11 -35.72 -21.03
N GLY B 28 27.24 -33.22 -20.19
CA GLY B 28 25.98 -32.69 -19.69
C GLY B 28 25.48 -33.38 -18.43
N GLU B 29 25.55 -34.71 -18.45
CA GLU B 29 25.00 -35.58 -17.40
C GLU B 29 25.26 -35.07 -15.96
N ASN B 30 26.42 -34.45 -15.73
CA ASN B 30 26.76 -33.89 -14.43
C ASN B 30 27.35 -32.48 -14.56
N SER B 31 26.65 -31.62 -15.30
CA SER B 31 27.04 -30.22 -15.45
C SER B 31 25.88 -29.29 -15.10
N TYR B 32 26.11 -27.99 -15.18
CA TYR B 32 25.12 -26.99 -14.76
C TYR B 32 23.88 -26.94 -15.68
N GLY B 33 24.10 -26.71 -16.97
CA GLY B 33 23.02 -26.56 -17.92
C GLY B 33 22.74 -27.78 -18.79
N GLY B 34 23.72 -28.67 -18.90
CA GLY B 34 23.60 -29.84 -19.76
C GLY B 34 24.33 -29.63 -21.08
N ASN B 35 24.27 -30.65 -21.92
CA ASN B 35 24.97 -30.63 -23.21
C ASN B 35 24.06 -31.11 -24.34
N GLY B 36 24.15 -30.44 -25.48
CA GLY B 36 23.40 -30.83 -26.66
C GLY B 36 22.53 -29.71 -27.22
N ASP B 37 21.58 -30.10 -28.06
CA ASP B 37 20.66 -29.14 -28.65
C ASP B 37 19.64 -28.69 -27.61
N MET B 38 19.40 -27.38 -27.53
CA MET B 38 18.43 -26.80 -26.61
C MET B 38 17.52 -25.82 -27.34
N THR B 39 17.41 -25.99 -28.66
CA THR B 39 16.56 -25.17 -29.53
C THR B 39 15.12 -25.18 -29.03
N TYR B 40 14.48 -24.01 -29.04
CA TYR B 40 13.08 -23.90 -28.71
C TYR B 40 12.41 -22.78 -29.51
N ALA B 41 11.08 -22.78 -29.52
CA ALA B 41 10.28 -21.72 -30.12
C ALA B 41 9.22 -21.21 -29.14
N ARG B 42 8.85 -19.93 -29.30
CA ARG B 42 7.82 -19.30 -28.48
C ARG B 42 6.72 -18.69 -29.32
N LEU B 43 5.51 -18.72 -28.79
CA LEU B 43 4.34 -18.11 -29.44
C LEU B 43 3.40 -17.61 -28.35
N GLY B 44 2.82 -16.45 -28.57
CA GLY B 44 1.87 -15.90 -27.62
C GLY B 44 1.12 -14.70 -28.16
N PHE B 45 0.08 -14.32 -27.45
CA PHE B 45 -0.63 -13.08 -27.75
C PHE B 45 -0.83 -12.23 -26.51
N LYS B 46 -0.67 -10.93 -26.71
CA LYS B 46 -1.10 -9.92 -25.74
C LYS B 46 -2.25 -9.18 -26.38
N GLY B 47 -3.41 -9.20 -25.71
CA GLY B 47 -4.59 -8.49 -26.19
C GLY B 47 -5.00 -7.39 -25.23
N GLU B 48 -5.41 -6.26 -25.77
CA GLU B 48 -5.74 -5.08 -24.97
C GLU B 48 -6.90 -4.27 -25.56
N THR B 49 -7.94 -4.10 -24.76
CA THR B 49 -9.17 -3.43 -25.20
C THR B 49 -9.53 -2.23 -24.31
N GLN B 50 -9.91 -1.12 -24.95
CA GLN B 50 -10.33 0.07 -24.23
C GLN B 50 -11.87 0.10 -24.11
N ILE B 51 -12.38 -0.53 -23.05
CA ILE B 51 -13.83 -0.61 -22.79
C ILE B 51 -14.47 0.78 -22.72
N ASN B 52 -13.87 1.65 -21.89
CA ASN B 52 -14.26 3.06 -21.82
C ASN B 52 -13.06 3.92 -21.43
N SER B 53 -13.31 5.20 -21.17
CA SER B 53 -12.28 6.18 -20.82
C SER B 53 -11.37 5.77 -19.64
N ASP B 54 -11.96 5.16 -18.61
CA ASP B 54 -11.23 4.77 -17.40
C ASP B 54 -10.99 3.25 -17.27
N LEU B 55 -11.81 2.45 -17.94
CA LEU B 55 -11.78 0.98 -17.81
C LEU B 55 -11.06 0.32 -18.98
N THR B 56 -10.27 -0.71 -18.68
CA THR B 56 -9.46 -1.40 -19.68
C THR B 56 -9.41 -2.91 -19.44
N GLY B 57 -9.59 -3.68 -20.51
CA GLY B 57 -9.47 -5.13 -20.47
C GLY B 57 -8.18 -5.61 -21.10
N TYR B 58 -7.67 -6.73 -20.59
CA TYR B 58 -6.47 -7.34 -21.15
C TYR B 58 -6.41 -8.85 -20.95
N GLY B 59 -5.71 -9.51 -21.86
CA GLY B 59 -5.48 -10.95 -21.78
C GLY B 59 -4.12 -11.28 -22.35
N GLN B 60 -3.54 -12.37 -21.85
CA GLN B 60 -2.27 -12.85 -22.36
C GLN B 60 -2.14 -14.37 -22.28
N TRP B 61 -1.58 -14.95 -23.34
CA TRP B 61 -1.23 -16.35 -23.37
C TRP B 61 0.12 -16.55 -24.05
N GLU B 62 0.93 -17.44 -23.49
CA GLU B 62 2.28 -17.68 -23.97
C GLU B 62 2.58 -19.17 -23.93
N TYR B 63 3.00 -19.73 -25.06
CA TYR B 63 3.31 -21.15 -25.14
C TYR B 63 4.78 -21.37 -25.49
N ASN B 64 5.31 -22.45 -24.93
CA ASN B 64 6.66 -22.88 -25.22
C ASN B 64 6.67 -24.19 -26.00
N PHE B 65 7.23 -24.13 -27.21
CA PHE B 65 7.45 -25.31 -28.02
C PHE B 65 8.94 -25.60 -28.03
N GLN B 66 9.32 -26.82 -27.68
CA GLN B 66 10.71 -27.25 -27.78
C GLN B 66 11.08 -27.65 -29.21
N GLY B 67 12.23 -27.16 -29.68
CA GLY B 67 12.74 -27.55 -30.99
C GLY B 67 13.81 -28.63 -30.92
N ASN B 68 13.96 -29.25 -29.76
CA ASN B 68 15.00 -30.27 -29.55
C ASN B 68 14.47 -31.67 -29.24
N ASN B 69 13.19 -31.90 -29.57
CA ASN B 69 12.59 -33.24 -29.51
C ASN B 69 12.51 -33.83 -30.91
N SER B 70 12.19 -35.12 -31.00
CA SER B 70 11.97 -35.75 -32.29
C SER B 70 10.51 -35.56 -32.70
N GLU B 71 10.16 -36.07 -33.88
CA GLU B 71 8.78 -36.09 -34.33
C GLU B 71 8.07 -37.38 -33.92
N GLY B 72 8.81 -38.26 -33.23
CA GLY B 72 8.27 -39.52 -32.74
C GLY B 72 7.54 -39.40 -31.42
N ALA B 73 7.78 -40.36 -30.54
CA ALA B 73 7.07 -40.49 -29.24
C ALA B 73 7.27 -39.34 -28.26
N ASP B 74 8.47 -38.77 -28.26
CA ASP B 74 8.91 -37.77 -27.27
C ASP B 74 8.64 -36.33 -27.68
N ALA B 75 7.74 -36.14 -28.64
CA ALA B 75 7.54 -34.85 -29.31
C ALA B 75 7.04 -33.70 -28.41
N GLN B 76 6.44 -34.04 -27.28
CA GLN B 76 5.88 -33.03 -26.38
C GLN B 76 6.73 -32.63 -25.17
N THR B 77 7.77 -33.41 -24.87
CA THR B 77 8.63 -33.13 -23.73
C THR B 77 9.07 -31.66 -23.71
N GLY B 78 8.72 -30.97 -22.62
CA GLY B 78 9.11 -29.58 -22.44
C GLY B 78 8.22 -28.54 -23.10
N ASN B 79 7.17 -28.99 -23.78
CA ASN B 79 6.13 -28.10 -24.29
C ASN B 79 5.11 -27.78 -23.19
N LYS B 80 4.75 -26.50 -23.10
CA LYS B 80 3.92 -26.02 -22.00
C LYS B 80 3.39 -24.60 -22.19
N THR B 81 2.29 -24.31 -21.51
CA THR B 81 1.81 -22.95 -21.37
C THR B 81 2.67 -22.28 -20.27
N ARG B 82 3.22 -21.11 -20.59
CA ARG B 82 3.93 -20.31 -19.61
C ARG B 82 2.96 -19.35 -18.93
N LEU B 83 2.20 -18.61 -19.73
CA LEU B 83 1.25 -17.64 -19.20
C LEU B 83 -0.13 -17.82 -19.84
N ALA B 84 -1.18 -17.61 -19.03
CA ALA B 84 -2.57 -17.60 -19.51
C ALA B 84 -3.45 -16.90 -18.48
N PHE B 85 -3.67 -15.60 -18.67
CA PHE B 85 -4.44 -14.79 -17.72
C PHE B 85 -5.25 -13.69 -18.40
N ALA B 86 -6.40 -13.38 -17.82
CA ALA B 86 -7.23 -12.29 -18.28
C ALA B 86 -7.47 -11.34 -17.11
N GLY B 87 -7.64 -10.06 -17.41
CA GLY B 87 -7.71 -9.05 -16.36
C GLY B 87 -8.33 -7.72 -16.72
N LEU B 88 -8.60 -6.92 -15.69
CA LEU B 88 -9.22 -5.61 -15.83
C LEU B 88 -8.39 -4.56 -15.12
N LYS B 89 -8.40 -3.33 -15.64
CA LYS B 89 -7.69 -2.21 -15.06
C LYS B 89 -8.56 -0.96 -15.06
N TYR B 90 -8.81 -0.43 -13.88
CA TYR B 90 -9.67 0.73 -13.71
C TYR B 90 -8.88 1.97 -13.33
N ALA B 91 -8.90 2.97 -14.21
CA ALA B 91 -8.20 4.26 -14.05
C ALA B 91 -6.97 4.17 -13.15
N ASP B 92 -7.04 4.75 -11.96
CA ASP B 92 -5.94 4.73 -11.00
C ASP B 92 -6.17 3.75 -9.83
N VAL B 93 -7.34 3.11 -9.82
CA VAL B 93 -7.70 2.16 -8.76
C VAL B 93 -6.87 0.87 -8.88
N GLY B 94 -6.20 0.71 -10.03
CA GLY B 94 -5.29 -0.41 -10.22
C GLY B 94 -5.83 -1.48 -11.15
N SER B 95 -5.36 -2.70 -10.96
CA SER B 95 -5.69 -3.77 -11.87
C SER B 95 -5.79 -5.12 -11.17
N PHE B 96 -6.68 -5.95 -11.67
CA PHE B 96 -6.87 -7.31 -11.17
C PHE B 96 -6.80 -8.24 -12.37
N ASP B 97 -6.04 -9.31 -12.22
CA ASP B 97 -6.04 -10.39 -13.20
C ASP B 97 -5.97 -11.75 -12.51
N TYR B 98 -6.42 -12.78 -13.23
CA TYR B 98 -6.40 -14.13 -12.69
C TYR B 98 -6.00 -15.10 -13.80
N GLY B 99 -5.31 -16.16 -13.42
CA GLY B 99 -4.90 -17.22 -14.35
C GLY B 99 -3.53 -17.75 -14.03
N ARG B 100 -2.85 -18.28 -15.05
CA ARG B 100 -1.44 -18.62 -14.90
C ARG B 100 -0.58 -17.37 -15.11
N ASN B 101 0.17 -17.02 -14.08
CA ASN B 101 1.03 -15.83 -14.10
C ASN B 101 2.19 -15.99 -13.13
N TYR B 102 3.08 -15.00 -13.12
CA TYR B 102 4.19 -14.97 -12.15
C TYR B 102 3.68 -14.73 -10.74
N GLY B 103 4.20 -15.49 -9.79
CA GLY B 103 4.00 -15.21 -8.38
C GLY B 103 4.51 -13.82 -8.03
N VAL B 104 4.05 -13.29 -6.90
CA VAL B 104 4.41 -11.93 -6.48
C VAL B 104 5.87 -11.73 -6.13
N VAL B 105 6.53 -12.77 -5.62
CA VAL B 105 7.95 -12.68 -5.25
C VAL B 105 8.85 -12.49 -6.48
N TYR B 106 8.41 -12.94 -7.64
CA TYR B 106 9.11 -12.62 -8.89
C TYR B 106 9.19 -11.11 -9.12
N ASP B 107 8.30 -10.34 -8.50
CA ASP B 107 8.38 -8.88 -8.54
C ASP B 107 9.75 -8.42 -8.07
N ALA B 108 10.27 -9.11 -7.06
CA ALA B 108 11.64 -8.92 -6.62
C ALA B 108 12.62 -9.58 -7.60
N LEU B 109 12.66 -10.91 -7.58
CA LEU B 109 13.64 -11.72 -8.30
C LEU B 109 13.89 -11.33 -9.76
N GLY B 110 12.88 -10.73 -10.39
CA GLY B 110 12.99 -10.28 -11.79
C GLY B 110 14.11 -9.30 -11.99
N TYR B 111 14.57 -8.71 -10.89
CA TYR B 111 15.66 -7.74 -10.87
C TYR B 111 16.97 -8.28 -11.43
N THR B 112 17.26 -9.54 -11.11
CA THR B 112 18.51 -10.18 -11.52
C THR B 112 18.31 -11.20 -12.65
N ASP B 113 17.06 -11.38 -13.07
CA ASP B 113 16.72 -12.29 -14.16
C ASP B 113 16.89 -11.60 -15.51
N MET B 114 18.09 -11.08 -15.75
CA MET B 114 18.39 -10.30 -16.93
C MET B 114 19.51 -10.93 -17.75
N LEU B 115 19.88 -12.16 -17.40
CA LEU B 115 20.97 -12.86 -18.08
C LEU B 115 20.53 -13.39 -19.44
N PRO B 116 21.45 -13.40 -20.43
CA PRO B 116 21.12 -13.76 -21.82
C PRO B 116 20.45 -15.13 -21.96
N GLU B 117 20.88 -16.09 -21.14
CA GLU B 117 20.30 -17.43 -21.15
C GLU B 117 19.95 -17.91 -19.75
N PHE B 118 20.94 -17.99 -18.86
CA PHE B 118 20.73 -18.51 -17.51
C PHE B 118 20.27 -17.43 -16.53
N GLY B 119 20.78 -17.49 -15.30
CA GLY B 119 20.35 -16.59 -14.24
C GLY B 119 18.94 -16.84 -13.72
N GLY B 120 18.54 -16.08 -12.72
CA GLY B 120 17.21 -16.21 -12.13
C GLY B 120 16.90 -17.64 -11.69
N ASP B 121 17.89 -18.28 -11.07
CA ASP B 121 17.81 -19.69 -10.68
C ASP B 121 16.77 -19.93 -9.58
N THR B 122 16.50 -18.92 -8.78
CA THR B 122 15.58 -19.04 -7.65
C THR B 122 14.11 -18.88 -8.06
N ALA B 123 13.89 -18.25 -9.22
CA ALA B 123 12.55 -18.06 -9.76
C ALA B 123 11.99 -19.35 -10.39
N TYR B 124 11.89 -20.41 -9.58
CA TYR B 124 11.38 -21.70 -10.03
C TYR B 124 9.91 -21.58 -10.44
N SER B 125 9.57 -22.21 -11.56
CA SER B 125 8.18 -22.23 -12.00
C SER B 125 7.44 -23.36 -11.27
N ASP B 126 6.13 -23.16 -11.08
CA ASP B 126 5.26 -24.03 -10.25
C ASP B 126 5.88 -24.25 -8.87
N ASP B 127 6.19 -23.15 -8.19
CA ASP B 127 6.86 -23.16 -6.90
C ASP B 127 6.40 -21.99 -6.04
N PHE B 128 5.10 -22.01 -5.70
CA PHE B 128 4.47 -20.97 -4.89
C PHE B 128 4.56 -19.54 -5.48
N PHE B 129 5.42 -18.70 -4.92
CA PHE B 129 5.36 -17.27 -5.24
C PHE B 129 6.54 -16.75 -6.05
N VAL B 130 7.54 -17.60 -6.28
CA VAL B 130 8.81 -17.17 -6.91
C VAL B 130 8.79 -17.05 -8.43
N GLY B 131 8.08 -17.97 -9.10
CA GLY B 131 8.02 -17.98 -10.57
C GLY B 131 6.60 -18.05 -11.08
N ARG B 132 6.43 -18.61 -12.27
CA ARG B 132 5.11 -18.81 -12.86
C ARG B 132 4.33 -19.88 -12.09
N VAL B 133 3.04 -19.63 -11.89
CA VAL B 133 2.15 -20.57 -11.21
C VAL B 133 0.76 -20.44 -11.78
N GLY B 134 0.01 -21.53 -11.71
CA GLY B 134 -1.38 -21.54 -12.17
C GLY B 134 -2.34 -21.26 -11.03
N GLY B 135 -3.26 -20.33 -11.27
CA GLY B 135 -4.33 -20.04 -10.31
C GLY B 135 -4.01 -18.94 -9.31
N VAL B 136 -3.56 -17.80 -9.79
CA VAL B 136 -3.23 -16.67 -8.93
C VAL B 136 -4.08 -15.44 -9.19
N ALA B 137 -4.79 -14.98 -8.15
CA ALA B 137 -5.48 -13.70 -8.19
C ALA B 137 -4.45 -12.62 -7.84
N THR B 138 -4.29 -11.61 -8.70
CA THR B 138 -3.25 -10.59 -8.49
C THR B 138 -3.79 -9.18 -8.66
N TYR B 139 -3.90 -8.47 -7.55
CA TYR B 139 -4.24 -7.05 -7.60
C TYR B 139 -2.93 -6.27 -7.66
N ARG B 140 -2.89 -5.22 -8.49
CA ARG B 140 -1.68 -4.43 -8.66
C ARG B 140 -1.99 -2.94 -8.69
N ASN B 141 -1.16 -2.16 -8.00
CA ASN B 141 -1.36 -0.72 -7.91
C ASN B 141 -0.14 0.10 -8.32
N SER B 142 -0.37 1.06 -9.21
CA SER B 142 0.69 1.94 -9.69
C SER B 142 0.56 3.32 -9.09
N ASN B 143 1.68 3.85 -8.61
CA ASN B 143 1.79 5.21 -8.09
C ASN B 143 0.81 5.52 -6.94
N PHE B 144 0.54 4.48 -6.14
CA PHE B 144 -0.42 4.53 -5.02
C PHE B 144 -1.67 5.33 -5.37
N PHE B 145 -2.57 4.72 -6.13
CA PHE B 145 -3.82 5.35 -6.56
C PHE B 145 -3.61 6.72 -7.21
N GLY B 146 -2.49 6.87 -7.91
CA GLY B 146 -2.15 8.09 -8.65
C GLY B 146 -1.77 9.27 -7.76
N LEU B 147 -1.22 8.96 -6.59
CA LEU B 147 -0.94 9.99 -5.58
C LEU B 147 0.51 10.09 -5.15
N VAL B 148 1.26 8.98 -5.24
CA VAL B 148 2.67 8.96 -4.86
C VAL B 148 3.53 8.34 -5.97
N ASP B 149 4.09 9.19 -6.83
CA ASP B 149 4.86 8.76 -8.02
C ASP B 149 5.93 7.72 -7.71
N GLY B 150 5.94 6.65 -8.51
CA GLY B 150 6.98 5.63 -8.42
C GLY B 150 6.77 4.58 -7.35
N LEU B 151 5.73 4.75 -6.53
CA LEU B 151 5.42 3.79 -5.47
C LEU B 151 4.35 2.80 -5.93
N ASN B 152 4.75 1.54 -6.03
CA ASN B 152 3.87 0.47 -6.48
C ASN B 152 3.76 -0.64 -5.46
N PHE B 153 2.53 -1.07 -5.18
CA PHE B 153 2.33 -2.24 -4.36
C PHE B 153 1.41 -3.22 -5.10
N ALA B 154 1.33 -4.44 -4.57
CA ALA B 154 0.62 -5.53 -5.23
C ALA B 154 0.34 -6.64 -4.24
N VAL B 155 -0.79 -7.30 -4.40
CA VAL B 155 -1.18 -8.42 -3.55
C VAL B 155 -1.64 -9.58 -4.42
N GLN B 156 -1.31 -10.80 -3.99
CA GLN B 156 -1.62 -12.00 -4.76
C GLN B 156 -2.21 -13.11 -3.91
N TYR B 157 -3.23 -13.78 -4.45
CA TYR B 157 -3.89 -14.88 -3.77
C TYR B 157 -3.75 -16.14 -4.61
N LEU B 158 -3.00 -17.11 -4.06
CA LEU B 158 -2.71 -18.35 -4.76
C LEU B 158 -3.65 -19.45 -4.28
N GLY B 159 -4.48 -19.94 -5.19
CA GLY B 159 -5.38 -21.06 -4.92
C GLY B 159 -4.58 -22.36 -4.92
N LYS B 160 -5.00 -23.33 -4.11
CA LYS B 160 -4.29 -24.60 -3.99
C LYS B 160 -4.22 -25.33 -5.33
N ASN B 161 -3.11 -26.04 -5.54
CA ASN B 161 -2.90 -26.89 -6.69
C ASN B 161 -2.47 -28.28 -6.23
N GLU B 162 -3.44 -29.18 -6.08
CA GLU B 162 -3.12 -30.57 -5.74
C GLU B 162 -2.79 -31.36 -7.00
N ARG B 163 -1.50 -31.40 -7.34
CA ARG B 163 -1.05 -32.09 -8.54
C ARG B 163 -0.61 -33.52 -8.22
N ASP B 164 -0.22 -34.27 -9.25
CA ASP B 164 0.19 -35.66 -9.10
C ASP B 164 1.59 -35.81 -8.53
N THR B 165 2.36 -34.72 -8.60
CA THR B 165 3.70 -34.66 -8.02
C THR B 165 3.79 -33.55 -6.97
N ALA B 166 4.58 -33.77 -5.92
CA ALA B 166 4.76 -32.79 -4.86
C ALA B 166 5.49 -31.53 -5.35
N ARG B 167 6.44 -31.74 -6.26
CA ARG B 167 7.21 -30.67 -6.86
C ARG B 167 6.36 -29.54 -7.48
N ARG B 168 5.22 -29.91 -8.07
CA ARG B 168 4.38 -28.93 -8.79
C ARG B 168 3.12 -28.55 -8.00
N SER B 169 2.96 -29.13 -6.81
CA SER B 169 1.77 -28.90 -5.99
C SER B 169 1.91 -27.68 -5.08
N ASN B 170 0.78 -27.18 -4.59
CA ASN B 170 0.75 -26.14 -3.55
C ASN B 170 -0.63 -26.04 -2.88
N GLY B 171 -0.67 -25.42 -1.70
CA GLY B 171 -1.92 -25.14 -1.00
C GLY B 171 -2.33 -23.68 -1.13
N ASP B 172 -3.38 -23.28 -0.42
CA ASP B 172 -3.83 -21.88 -0.40
C ASP B 172 -2.79 -20.98 0.24
N GLY B 173 -2.67 -19.76 -0.27
CA GLY B 173 -1.65 -18.84 0.19
C GLY B 173 -1.87 -17.40 -0.20
N VAL B 174 -1.22 -16.51 0.54
CA VAL B 174 -1.27 -15.08 0.28
C VAL B 174 0.18 -14.59 0.14
N GLY B 175 0.38 -13.61 -0.72
CA GLY B 175 1.66 -12.96 -0.90
C GLY B 175 1.49 -11.54 -1.39
N GLY B 176 2.57 -10.77 -1.33
CA GLY B 176 2.53 -9.37 -1.76
C GLY B 176 3.89 -8.78 -2.03
N SER B 177 3.90 -7.56 -2.56
CA SER B 177 5.14 -6.84 -2.82
C SER B 177 4.95 -5.34 -2.77
N ILE B 178 5.95 -4.65 -2.23
CA ILE B 178 6.01 -3.19 -2.22
C ILE B 178 7.27 -2.80 -3.00
N SER B 179 7.15 -1.78 -3.85
CA SER B 179 8.27 -1.36 -4.70
C SER B 179 8.25 0.14 -4.96
N TYR B 180 9.44 0.72 -5.03
CA TYR B 180 9.60 2.16 -5.22
C TYR B 180 10.74 2.44 -6.20
N GLU B 181 10.48 3.35 -7.14
CA GLU B 181 11.44 3.68 -8.20
C GLU B 181 11.66 5.18 -8.29
N TYR B 182 12.92 5.60 -8.16
CA TYR B 182 13.27 7.01 -8.14
C TYR B 182 14.52 7.28 -8.96
N GLU B 183 14.39 8.19 -9.94
CA GLU B 183 15.49 8.66 -10.79
C GLU B 183 16.58 7.60 -11.11
N GLY B 184 16.20 6.60 -11.92
CA GLY B 184 17.09 5.48 -12.23
C GLY B 184 17.06 4.31 -11.24
N PHE B 185 16.99 4.63 -9.95
CA PHE B 185 17.04 3.60 -8.89
C PHE B 185 15.71 2.86 -8.72
N GLY B 186 15.75 1.73 -8.03
CA GLY B 186 14.59 0.88 -7.78
C GLY B 186 14.77 -0.05 -6.60
N ILE B 187 13.89 0.07 -5.61
CA ILE B 187 13.91 -0.77 -4.41
C ILE B 187 12.60 -1.56 -4.34
N VAL B 188 12.72 -2.85 -4.01
CA VAL B 188 11.57 -3.77 -3.98
C VAL B 188 11.69 -4.72 -2.80
N GLY B 189 10.56 -4.97 -2.15
CA GLY B 189 10.45 -6.02 -1.14
C GLY B 189 9.27 -6.91 -1.47
N ALA B 190 9.41 -8.20 -1.25
CA ALA B 190 8.34 -9.15 -1.53
C ALA B 190 8.33 -10.31 -0.54
N TYR B 191 7.12 -10.76 -0.20
CA TYR B 191 6.91 -11.84 0.76
C TYR B 191 5.64 -12.64 0.41
N GLY B 192 5.62 -13.92 0.78
CA GLY B 192 4.45 -14.77 0.60
C GLY B 192 4.53 -16.06 1.38
N ALA B 193 3.38 -16.51 1.89
CA ALA B 193 3.30 -17.78 2.63
C ALA B 193 2.14 -18.64 2.14
N ALA B 194 2.28 -19.96 2.24
CA ALA B 194 1.27 -20.89 1.76
C ALA B 194 1.29 -22.25 2.46
N ASP B 195 0.15 -22.94 2.42
CA ASP B 195 0.03 -24.31 2.95
C ASP B 195 0.77 -25.29 2.06
N ARG B 196 1.44 -26.26 2.66
CA ARG B 196 1.97 -27.39 1.92
C ARG B 196 0.88 -28.45 1.86
N THR B 197 0.78 -29.12 0.72
CA THR B 197 -0.21 -30.17 0.53
C THR B 197 0.21 -31.44 1.25
N ASN B 198 -0.75 -32.34 1.48
CA ASN B 198 -0.48 -33.65 2.08
C ASN B 198 0.71 -34.36 1.47
N LEU B 199 0.75 -34.40 0.13
CA LEU B 199 1.82 -35.04 -0.63
C LEU B 199 3.18 -34.36 -0.45
N GLN B 200 3.16 -33.07 -0.13
CA GLN B 200 4.40 -32.33 0.16
C GLN B 200 4.91 -32.62 1.56
N GLU B 201 3.97 -32.86 2.50
CA GLU B 201 4.30 -33.20 3.88
C GLU B 201 4.94 -34.58 3.98
N ALA B 202 4.41 -35.53 3.19
CA ALA B 202 4.87 -36.92 3.18
C ALA B 202 6.21 -37.12 2.46
N GLN B 203 6.87 -36.02 2.12
CA GLN B 203 8.16 -36.04 1.43
C GLN B 203 9.35 -36.11 2.40
N PRO B 204 10.33 -36.98 2.10
CA PRO B 204 11.49 -37.20 2.97
C PRO B 204 12.30 -35.92 3.24
N LEU B 205 12.32 -34.99 2.29
CA LEU B 205 13.04 -33.74 2.45
C LEU B 205 12.05 -32.58 2.57
N GLY B 206 12.22 -31.78 3.63
CA GLY B 206 11.32 -30.66 3.89
C GLY B 206 10.33 -31.00 4.99
N ASN B 207 10.37 -30.22 6.06
CA ASN B 207 9.54 -30.48 7.23
C ASN B 207 8.73 -29.26 7.65
N GLY B 208 7.41 -29.43 7.70
CA GLY B 208 6.49 -28.35 8.10
C GLY B 208 5.18 -28.38 7.32
N LYS B 209 4.28 -27.47 7.71
CA LYS B 209 2.96 -27.35 7.07
C LYS B 209 2.81 -25.99 6.39
N LYS B 210 3.86 -25.18 6.47
CA LYS B 210 3.81 -23.80 5.98
C LYS B 210 5.09 -23.46 5.20
N ALA B 211 4.90 -22.98 3.97
CA ALA B 211 6.00 -22.59 3.10
C ALA B 211 6.08 -21.07 2.95
N GLU B 212 7.29 -20.53 3.05
CA GLU B 212 7.51 -19.09 2.96
C GLU B 212 8.61 -18.74 1.96
N GLN B 213 8.48 -17.56 1.36
CA GLN B 213 9.46 -17.04 0.41
C GLN B 213 9.47 -15.52 0.48
N TRP B 214 10.63 -14.94 0.81
CA TRP B 214 10.78 -13.49 0.76
C TRP B 214 12.07 -13.09 0.07
N ALA B 215 12.06 -11.92 -0.57
CA ALA B 215 13.22 -11.40 -1.28
C ALA B 215 13.16 -9.88 -1.42
N THR B 216 14.32 -9.25 -1.29
CA THR B 216 14.46 -7.81 -1.52
C THR B 216 15.07 -7.56 -2.89
N GLY B 217 14.99 -6.32 -3.35
CA GLY B 217 15.53 -5.93 -4.64
C GLY B 217 16.15 -4.55 -4.62
N LEU B 218 17.29 -4.41 -5.28
CA LEU B 218 17.98 -3.13 -5.42
C LEU B 218 18.61 -3.05 -6.79
N LYS B 219 18.39 -1.94 -7.49
CA LYS B 219 18.86 -1.81 -8.87
C LYS B 219 19.13 -0.39 -9.30
N TYR B 220 20.13 -0.23 -10.15
CA TYR B 220 20.26 0.98 -10.95
C TYR B 220 20.01 0.63 -12.41
N ASP B 221 19.15 1.41 -13.06
CA ASP B 221 18.72 1.13 -14.43
C ASP B 221 18.42 2.41 -15.20
N ALA B 222 19.48 3.17 -15.48
CA ALA B 222 19.43 4.31 -16.39
C ALA B 222 20.81 4.51 -17.02
N ASN B 223 20.87 5.35 -18.06
CA ASN B 223 22.15 5.66 -18.73
C ASN B 223 22.97 4.43 -19.11
N ASN B 224 22.33 3.49 -19.80
CA ASN B 224 22.98 2.29 -20.37
C ASN B 224 23.59 1.29 -19.39
N ILE B 225 23.49 1.57 -18.09
CA ILE B 225 24.04 0.69 -17.07
C ILE B 225 22.91 -0.05 -16.35
N TYR B 226 23.07 -1.35 -16.18
CA TYR B 226 22.15 -2.13 -15.36
C TYR B 226 22.88 -2.91 -14.28
N LEU B 227 22.70 -2.49 -13.03
CA LEU B 227 23.19 -3.23 -11.88
C LEU B 227 22.00 -3.67 -11.04
N ALA B 228 22.12 -4.82 -10.37
CA ALA B 228 21.01 -5.37 -9.58
C ALA B 228 21.46 -6.36 -8.53
N ALA B 229 20.74 -6.36 -7.40
CA ALA B 229 21.04 -7.25 -6.28
C ALA B 229 19.76 -7.83 -5.68
N ASN B 230 19.83 -9.09 -5.29
CA ASN B 230 18.71 -9.78 -4.64
C ASN B 230 19.17 -10.62 -3.47
N TYR B 231 18.48 -10.49 -2.34
CA TYR B 231 18.68 -11.41 -1.21
C TYR B 231 17.34 -12.04 -0.84
N GLY B 232 17.34 -13.36 -0.64
CA GLY B 232 16.12 -14.08 -0.33
C GLY B 232 16.28 -15.24 0.61
N GLU B 233 15.22 -15.56 1.34
CA GLU B 233 15.18 -16.73 2.20
C GLU B 233 13.87 -17.49 2.00
N THR B 234 13.90 -18.80 2.25
CA THR B 234 12.72 -19.63 2.06
C THR B 234 12.58 -20.68 3.15
N ARG B 235 11.38 -20.82 3.70
CA ARG B 235 11.05 -21.97 4.52
C ARG B 235 10.25 -22.94 3.67
N ASN B 236 10.60 -24.21 3.74
CA ASN B 236 9.84 -25.30 3.12
C ASN B 236 9.35 -25.03 1.70
N ALA B 237 10.10 -24.23 0.95
CA ALA B 237 9.65 -23.78 -0.38
C ALA B 237 10.49 -24.25 -1.56
N THR B 238 11.82 -24.10 -1.48
CA THR B 238 12.71 -24.45 -2.58
C THR B 238 12.78 -25.97 -2.77
N PRO B 239 12.57 -26.46 -4.02
CA PRO B 239 12.60 -27.88 -4.29
C PRO B 239 14.02 -28.40 -4.42
N ILE B 240 14.30 -29.53 -3.77
CA ILE B 240 15.63 -30.15 -3.81
C ILE B 240 15.57 -31.62 -4.13
N THR B 241 16.63 -32.13 -4.74
CA THR B 241 16.72 -33.54 -5.12
C THR B 241 18.05 -34.13 -4.67
N ASN B 242 17.99 -35.30 -4.03
CA ASN B 242 19.18 -36.05 -3.67
C ASN B 242 19.51 -37.05 -4.76
N LYS B 243 20.43 -36.68 -5.65
CA LYS B 243 20.81 -37.52 -6.78
C LYS B 243 21.54 -38.79 -6.38
N PHE B 244 21.92 -38.89 -5.11
CA PHE B 244 22.59 -40.08 -4.57
C PHE B 244 21.61 -41.17 -4.14
N THR B 245 20.33 -40.82 -4.00
CA THR B 245 19.33 -41.78 -3.53
C THR B 245 17.97 -41.71 -4.24
N ASN B 246 17.86 -40.84 -5.25
CA ASN B 246 16.59 -40.58 -5.96
C ASN B 246 15.51 -39.99 -5.05
N THR B 247 15.96 -39.28 -4.02
CA THR B 247 15.07 -38.61 -3.08
C THR B 247 14.78 -37.21 -3.61
N SER B 248 13.57 -36.73 -3.38
CA SER B 248 13.22 -35.34 -3.65
C SER B 248 12.32 -34.76 -2.54
N GLY B 249 12.02 -33.47 -2.65
CA GLY B 249 11.22 -32.78 -1.65
C GLY B 249 11.56 -31.30 -1.64
N PHE B 250 11.71 -30.74 -0.45
CA PHE B 250 12.00 -29.30 -0.29
C PHE B 250 13.10 -29.02 0.75
N ALA B 251 13.74 -27.87 0.63
CA ALA B 251 14.78 -27.45 1.57
C ALA B 251 14.21 -26.56 2.66
N ASN B 252 14.37 -27.00 3.91
CA ASN B 252 13.85 -26.29 5.09
C ASN B 252 14.24 -24.82 5.19
N LYS B 253 15.47 -24.50 4.79
CA LYS B 253 15.92 -23.13 4.69
C LYS B 253 16.82 -22.94 3.48
N THR B 254 16.66 -21.82 2.79
CA THR B 254 17.66 -21.38 1.81
C THR B 254 17.97 -19.90 1.98
N GLN B 255 19.24 -19.56 1.79
CA GLN B 255 19.65 -18.17 1.63
C GLN B 255 20.07 -18.02 0.18
N ASP B 256 19.63 -16.94 -0.46
CA ASP B 256 19.82 -16.78 -1.90
C ASP B 256 20.37 -15.40 -2.24
N VAL B 257 21.55 -15.38 -2.86
CA VAL B 257 22.18 -14.13 -3.29
C VAL B 257 22.30 -14.08 -4.81
N LEU B 258 21.93 -12.95 -5.38
CA LEU B 258 21.95 -12.73 -6.83
C LEU B 258 22.48 -11.33 -7.11
N LEU B 259 23.57 -11.27 -7.86
CA LEU B 259 24.14 -10.00 -8.29
C LEU B 259 24.34 -10.00 -9.80
N VAL B 260 24.12 -8.84 -10.43
CA VAL B 260 24.14 -8.73 -11.89
C VAL B 260 24.68 -7.35 -12.30
N ALA B 261 25.58 -7.35 -13.27
CA ALA B 261 26.10 -6.11 -13.84
C ALA B 261 26.16 -6.22 -15.37
N GLN B 262 25.58 -5.24 -16.04
CA GLN B 262 25.49 -5.26 -17.50
C GLN B 262 25.67 -3.86 -18.06
N TYR B 263 26.05 -3.77 -19.33
CA TYR B 263 26.13 -2.50 -20.03
C TYR B 263 25.60 -2.63 -21.46
N GLN B 264 25.05 -1.55 -22.00
CA GLN B 264 24.51 -1.55 -23.35
C GLN B 264 25.18 -0.50 -24.23
N PHE B 265 26.01 -0.97 -25.16
CA PHE B 265 26.67 -0.10 -26.12
C PHE B 265 25.69 0.27 -27.24
N ASP B 266 25.76 1.52 -27.69
CA ASP B 266 24.88 2.00 -28.77
C ASP B 266 24.94 1.14 -30.04
N PHE B 267 26.08 0.51 -30.31
CA PHE B 267 26.25 -0.33 -31.51
C PHE B 267 25.63 -1.74 -31.41
N GLY B 268 25.23 -2.13 -30.20
CA GLY B 268 24.44 -3.34 -30.04
C GLY B 268 24.89 -4.32 -28.98
N LEU B 269 26.11 -4.17 -28.47
CA LEU B 269 26.65 -5.17 -27.56
C LEU B 269 26.20 -4.96 -26.11
N ARG B 270 25.65 -6.02 -25.51
CA ARG B 270 25.28 -6.01 -24.09
C ARG B 270 26.02 -7.13 -23.33
N PRO B 271 27.26 -6.83 -22.87
CA PRO B 271 28.02 -7.77 -22.03
C PRO B 271 27.37 -7.92 -20.67
N SER B 272 27.67 -9.03 -20.00
CA SER B 272 27.01 -9.36 -18.75
C SER B 272 27.95 -10.09 -17.79
N ILE B 273 28.05 -9.56 -16.57
CA ILE B 273 28.77 -10.21 -15.48
C ILE B 273 27.74 -10.48 -14.39
N ALA B 274 27.78 -11.67 -13.80
CA ALA B 274 26.82 -12.01 -12.76
C ALA B 274 27.36 -12.96 -11.71
N TYR B 275 26.93 -12.77 -10.47
CA TYR B 275 27.23 -13.68 -9.37
C TYR B 275 25.94 -14.26 -8.80
N THR B 276 25.96 -15.56 -8.52
CA THR B 276 24.77 -16.26 -8.01
C THR B 276 25.14 -17.37 -7.04
N LYS B 277 24.64 -17.26 -5.82
CA LYS B 277 24.85 -18.30 -4.81
C LYS B 277 23.56 -18.57 -4.03
N SER B 278 23.29 -19.86 -3.82
CA SER B 278 22.09 -20.31 -3.14
C SER B 278 22.43 -21.51 -2.25
N LYS B 279 22.43 -21.29 -0.94
CA LYS B 279 22.75 -22.33 0.04
C LYS B 279 21.51 -22.79 0.79
N ALA B 280 21.43 -24.10 1.02
CA ALA B 280 20.32 -24.72 1.73
C ALA B 280 20.77 -25.21 3.11
N LYS B 281 19.97 -24.89 4.13
CA LYS B 281 20.28 -25.23 5.51
C LYS B 281 19.33 -26.29 6.07
N ASP B 282 19.86 -27.09 7.01
CA ASP B 282 19.10 -28.14 7.72
C ASP B 282 18.48 -29.22 6.82
N VAL B 283 19.26 -29.69 5.85
CA VAL B 283 18.80 -30.74 4.93
C VAL B 283 18.98 -32.11 5.59
N GLU B 284 17.85 -32.79 5.82
CA GLU B 284 17.81 -34.03 6.62
C GLU B 284 18.71 -35.14 6.09
N GLY B 285 19.71 -35.50 6.90
CA GLY B 285 20.71 -36.49 6.52
C GLY B 285 21.87 -35.90 5.74
N ILE B 286 21.97 -34.57 5.74
CA ILE B 286 23.05 -33.84 5.06
C ILE B 286 23.51 -32.65 5.90
N GLY B 287 22.60 -31.71 6.13
CA GLY B 287 22.92 -30.47 6.83
C GLY B 287 22.87 -29.26 5.90
N ASP B 288 24.05 -28.70 5.62
CA ASP B 288 24.16 -27.52 4.77
C ASP B 288 24.71 -27.84 3.38
N VAL B 289 23.86 -27.71 2.37
CA VAL B 289 24.24 -27.97 0.97
C VAL B 289 24.16 -26.69 0.15
N ASP B 290 25.06 -26.56 -0.82
CA ASP B 290 24.96 -25.51 -1.83
C ASP B 290 24.28 -26.07 -3.07
N LEU B 291 23.30 -25.33 -3.57
CA LEU B 291 22.48 -25.77 -4.70
C LEU B 291 22.88 -25.07 -5.98
N VAL B 292 23.14 -23.77 -5.86
CA VAL B 292 23.53 -22.96 -6.99
C VAL B 292 24.72 -22.10 -6.57
N ASN B 293 25.77 -22.12 -7.37
CA ASN B 293 27.01 -21.42 -7.03
C ASN B 293 27.83 -21.22 -8.29
N TYR B 294 27.82 -19.99 -8.82
CA TYR B 294 28.55 -19.70 -10.04
C TYR B 294 28.86 -18.23 -10.27
N PHE B 295 29.89 -17.99 -11.07
CA PHE B 295 30.10 -16.69 -11.69
C PHE B 295 29.67 -16.81 -13.15
N GLU B 296 29.18 -15.71 -13.70
CA GLU B 296 28.67 -15.71 -15.07
C GLU B 296 29.36 -14.63 -15.87
N VAL B 297 29.84 -15.01 -17.05
CA VAL B 297 30.35 -14.07 -18.03
C VAL B 297 29.57 -14.33 -19.29
N GLY B 298 29.10 -13.26 -19.94
CA GLY B 298 28.36 -13.41 -21.18
C GLY B 298 28.10 -12.13 -21.92
N ALA B 299 27.60 -12.25 -23.14
CA ALA B 299 27.29 -11.09 -23.96
C ALA B 299 26.09 -11.39 -24.85
N THR B 300 25.45 -10.33 -25.35
CA THR B 300 24.36 -10.44 -26.29
C THR B 300 24.52 -9.34 -27.33
N TYR B 301 24.56 -9.74 -28.61
CA TYR B 301 24.64 -8.74 -29.67
C TYR B 301 23.27 -8.47 -30.26
N TYR B 302 22.82 -7.21 -30.15
CA TYR B 302 21.55 -6.82 -30.74
C TYR B 302 21.77 -6.20 -32.11
N PHE B 303 21.58 -7.01 -33.15
CA PHE B 303 21.56 -6.51 -34.53
C PHE B 303 20.44 -5.46 -34.67
N ASN B 304 19.27 -5.79 -34.11
CA ASN B 304 18.16 -4.85 -33.89
C ASN B 304 17.16 -5.46 -32.88
N LYS B 305 15.96 -4.86 -32.78
CA LYS B 305 14.93 -5.33 -31.86
C LYS B 305 14.35 -6.71 -32.24
N ASN B 306 14.71 -7.19 -33.42
CA ASN B 306 14.22 -8.47 -33.92
C ASN B 306 15.30 -9.57 -33.96
N MET B 307 16.55 -9.19 -34.19
CA MET B 307 17.63 -10.17 -34.35
C MET B 307 18.77 -10.01 -33.36
N SER B 308 19.28 -11.14 -32.89
CA SER B 308 20.36 -11.18 -31.91
C SER B 308 21.12 -12.50 -31.87
N THR B 309 22.34 -12.46 -31.36
CA THR B 309 23.14 -13.65 -31.04
C THR B 309 23.75 -13.44 -29.67
N TYR B 310 24.09 -14.54 -28.99
CA TYR B 310 24.63 -14.44 -27.65
C TYR B 310 25.46 -15.62 -27.17
N VAL B 311 26.46 -15.30 -26.35
CA VAL B 311 27.24 -16.30 -25.64
C VAL B 311 26.98 -16.10 -24.15
N ASP B 312 26.90 -17.20 -23.42
CA ASP B 312 26.68 -17.16 -21.99
C ASP B 312 27.54 -18.24 -21.37
N TYR B 313 28.54 -17.81 -20.60
CA TYR B 313 29.48 -18.73 -19.97
C TYR B 313 29.31 -18.78 -18.45
N ILE B 314 29.02 -19.98 -17.95
CA ILE B 314 28.88 -20.22 -16.52
C ILE B 314 30.18 -20.80 -15.96
N ILE B 315 30.77 -20.10 -14.98
CA ILE B 315 31.89 -20.64 -14.21
C ILE B 315 31.32 -21.24 -12.93
N ASN B 316 31.09 -22.55 -12.96
CA ASN B 316 30.37 -23.25 -11.90
C ASN B 316 31.22 -23.53 -10.65
N GLN B 317 30.95 -22.77 -9.59
CA GLN B 317 31.74 -22.84 -8.35
C GLN B 317 31.38 -24.03 -7.46
N ILE B 318 30.35 -24.78 -7.85
CA ILE B 318 29.97 -26.01 -7.14
C ILE B 318 31.13 -27.00 -7.20
N ASP B 319 31.38 -27.69 -6.09
CA ASP B 319 32.52 -28.62 -6.00
C ASP B 319 32.13 -30.07 -6.31
N SER B 320 33.14 -30.90 -6.54
CA SER B 320 32.97 -32.27 -7.01
C SER B 320 32.32 -33.18 -5.98
N ASP B 321 32.41 -32.82 -4.70
CA ASP B 321 31.88 -33.66 -3.62
C ASP B 321 30.58 -33.13 -3.00
N ASN B 322 29.81 -32.39 -3.79
CA ASN B 322 28.52 -31.86 -3.35
C ASN B 322 27.57 -32.95 -2.85
N LYS B 323 27.00 -32.74 -1.67
CA LYS B 323 26.20 -33.76 -0.96
C LYS B 323 24.95 -34.25 -1.70
N LEU B 324 24.28 -33.35 -2.43
CA LEU B 324 23.04 -33.69 -3.11
C LEU B 324 23.25 -34.17 -4.54
N GLY B 325 24.45 -33.93 -5.07
CA GLY B 325 24.80 -34.37 -6.42
C GLY B 325 24.62 -33.30 -7.49
N VAL B 326 24.53 -32.05 -7.05
CA VAL B 326 24.38 -30.93 -7.98
C VAL B 326 25.62 -30.86 -8.87
N GLY B 327 25.40 -30.94 -10.18
CA GLY B 327 26.49 -30.92 -11.17
C GLY B 327 27.44 -29.76 -10.97
N SER B 328 28.74 -30.06 -10.98
CA SER B 328 29.76 -29.07 -10.63
C SER B 328 30.49 -28.48 -11.84
N ASP B 329 30.19 -28.99 -13.03
CA ASP B 329 30.92 -28.59 -14.23
C ASP B 329 30.38 -27.32 -14.88
N ASP B 330 31.24 -26.64 -15.62
CA ASP B 330 30.88 -25.44 -16.37
C ASP B 330 29.95 -25.78 -17.54
N THR B 331 29.15 -24.79 -17.96
CA THR B 331 28.29 -24.92 -19.13
C THR B 331 28.32 -23.63 -19.93
N VAL B 332 28.50 -23.75 -21.24
CA VAL B 332 28.50 -22.61 -22.14
C VAL B 332 27.31 -22.73 -23.10
N ALA B 333 26.64 -21.62 -23.35
CA ALA B 333 25.47 -21.63 -24.23
C ALA B 333 25.62 -20.62 -25.35
N VAL B 334 25.45 -21.08 -26.59
CA VAL B 334 25.51 -20.18 -27.75
C VAL B 334 24.14 -20.13 -28.39
N GLY B 335 23.69 -18.92 -28.73
CA GLY B 335 22.35 -18.73 -29.23
C GLY B 335 22.19 -17.81 -30.41
N ILE B 336 21.20 -18.11 -31.23
CA ILE B 336 20.77 -17.24 -32.32
C ILE B 336 19.24 -17.09 -32.24
N VAL B 337 18.80 -15.85 -32.04
CA VAL B 337 17.40 -15.55 -31.80
C VAL B 337 16.80 -14.67 -32.89
N TYR B 338 15.72 -15.15 -33.50
CA TYR B 338 14.81 -14.26 -34.20
C TYR B 338 13.53 -14.13 -33.38
N GLN B 339 13.09 -12.90 -33.16
CA GLN B 339 11.85 -12.64 -32.43
C GLN B 339 11.04 -11.58 -33.15
N PHE B 340 9.73 -11.59 -32.90
CA PHE B 340 8.82 -10.61 -33.47
C PHE B 340 7.72 -10.24 -32.49
N UNK C 1 -8.18 4.46 14.89
CA UNK C 1 -7.81 5.75 15.52
C UNK C 1 -8.83 6.21 16.54
N UNK C 2 -8.42 6.21 17.81
CA UNK C 2 -9.27 6.68 18.92
C UNK C 2 -9.07 8.15 19.26
N UNK C 3 -8.65 8.94 18.27
CA UNK C 3 -8.41 10.38 18.45
C UNK C 3 -9.65 11.21 18.19
N UNK C 4 -10.62 11.11 19.10
CA UNK C 4 -11.86 11.87 18.99
C UNK C 4 -11.67 13.30 19.44
N UNK C 5 -11.05 13.45 20.62
CA UNK C 5 -10.67 14.75 21.20
C UNK C 5 -11.78 15.77 21.39
N UNK C 6 -11.76 16.80 20.55
CA UNK C 6 -12.77 17.84 20.55
C UNK C 6 -12.68 18.63 19.26
N UNK C 7 -13.83 18.93 18.67
CA UNK C 7 -13.87 19.63 17.38
C UNK C 7 -13.27 21.02 17.44
N UNK D 1 8.48 -4.61 -14.36
CA UNK D 1 8.80 -6.07 -14.39
C UNK D 1 9.04 -6.60 -15.78
N UNK D 2 9.79 -5.84 -16.59
CA UNK D 2 10.18 -6.25 -17.94
C UNK D 2 11.40 -7.16 -18.02
N UNK D 3 11.77 -7.78 -16.89
CA UNK D 3 12.93 -8.67 -16.83
C UNK D 3 12.57 -10.13 -16.68
N UNK D 4 12.19 -10.75 -17.81
CA UNK D 4 11.94 -12.18 -17.87
C UNK D 4 13.05 -12.89 -18.62
N UNK D 5 14.15 -12.14 -18.82
CA UNK D 5 15.36 -12.56 -19.56
C UNK D 5 15.57 -14.03 -19.88
N UNK D 6 16.19 -14.76 -18.96
CA UNK D 6 16.48 -16.18 -19.18
C UNK D 6 15.75 -17.11 -18.24
N UNK D 7 14.71 -17.77 -18.78
CA UNK D 7 13.90 -18.71 -18.01
C UNK D 7 14.55 -20.06 -17.81
#